data_4MU9
#
_entry.id   4MU9
#
_cell.length_a   50.230
_cell.length_b   61.220
_cell.length_c   63.750
_cell.angle_alpha   91.430
_cell.angle_beta   90.280
_cell.angle_gamma   114.120
#
_symmetry.space_group_name_H-M   'P 1'
#
loop_
_entity.id
_entity.type
_entity.pdbx_description
1 polymer 'Glycoside hydrolase family 73'
2 non-polymer 1,2-ETHANEDIOL
3 non-polymer '4-(2-HYDROXYETHYL)-1-PIPERAZINE ETHANESULFONIC ACID'
4 water water
#
_entity_poly.entity_id   1
_entity_poly.type   'polypeptide(L)'
_entity_poly.pdbx_seq_one_letter_code
;GHPFVSIADSILDNVLNLYQTEDGLLTETYPVNPDQKITYLAGGAQQNGTLKASFLWPYSG(MSE)(MSE)SGCVA
(MSE)YQATGDKKYKTILEKRILPGLEQYWDGERLPACYQSYPVKYGQHGRYYDDNIWIALDYCDYYRLTKKADYLKKAI
ALYEYIYSGWSDELGGGIFWCEQQKEAKHTCSNAPSTVLGVKLYRLTKDKKYLNKAKETYAWTRKHLCDPDDFLYWDNIN
LKGKVSKDKYAYNSGQ(MSE)IQAGVLLYEETGDKDYLRDAQKTAAGTDAFFRSKADKKDPSVKVHKD(MSE)SWFNVIL
FRGFKALEKIDHNPTYVRA(MSE)AENALHAWRNYRDANGLLGRDWSGHNEEPYKWLLDNACLIELFAEIEK
;
_entity_poly.pdbx_strand_id   A,B
#
loop_
_chem_comp.id
_chem_comp.type
_chem_comp.name
_chem_comp.formula
EDO non-polymer 1,2-ETHANEDIOL 'C2 H6 O2'
EPE non-polymer '4-(2-HYDROXYETHYL)-1-PIPERAZINE ETHANESULFONIC ACID' 'C8 H18 N2 O4 S'
#
# COMPACT_ATOMS: atom_id res chain seq x y z
N GLY A 1 16.23 24.02 24.93
CA GLY A 1 15.73 23.19 26.01
C GLY A 1 15.09 21.91 25.51
N HIS A 2 14.52 21.11 26.41
CA HIS A 2 13.89 19.85 26.04
C HIS A 2 12.54 19.78 26.71
N PRO A 3 11.55 20.49 26.13
CA PRO A 3 10.23 20.62 26.80
C PRO A 3 9.36 19.37 26.91
N PHE A 4 9.57 18.37 26.03
CA PHE A 4 8.73 17.17 26.02
C PHE A 4 9.39 15.87 26.45
N VAL A 5 10.53 15.96 27.15
CA VAL A 5 11.23 14.78 27.68
C VAL A 5 10.34 13.95 28.61
N SER A 6 9.42 14.61 29.37
CA SER A 6 8.48 13.91 30.26
C SER A 6 7.54 12.99 29.48
N ILE A 7 7.12 13.41 28.27
CA ILE A 7 6.29 12.58 27.39
C ILE A 7 7.11 11.36 26.92
N ALA A 8 8.33 11.60 26.39
CA ALA A 8 9.23 10.52 25.93
C ALA A 8 9.54 9.53 27.06
N ASP A 9 9.70 10.04 28.32
CA ASP A 9 9.94 9.20 29.50
C ASP A 9 8.73 8.30 29.77
N SER A 10 7.52 8.88 29.71
CA SER A 10 6.24 8.19 29.91
C SER A 10 6.05 7.05 28.88
N ILE A 11 6.32 7.30 27.58
CA ILE A 11 6.18 6.29 26.51
C ILE A 11 7.12 5.10 26.77
N LEU A 12 8.38 5.39 27.10
CA LEU A 12 9.39 4.38 27.38
C LEU A 12 8.92 3.41 28.46
N ASP A 13 8.45 3.96 29.62
CA ASP A 13 7.99 3.15 30.74
C ASP A 13 6.71 2.38 30.44
N ASN A 14 5.80 2.97 29.66
CA ASN A 14 4.55 2.30 29.27
C ASN A 14 4.79 1.16 28.27
N VAL A 15 5.65 1.39 27.25
CA VAL A 15 6.02 0.40 26.24
C VAL A 15 6.73 -0.78 26.92
N LEU A 16 7.72 -0.49 27.81
CA LEU A 16 8.44 -1.54 28.53
C LEU A 16 7.46 -2.40 29.34
N ASN A 17 6.51 -1.75 30.04
CA ASN A 17 5.54 -2.50 30.84
C ASN A 17 4.61 -3.38 29.99
N LEU A 18 3.99 -2.79 28.97
CA LEU A 18 3.01 -3.51 28.15
C LEU A 18 3.58 -4.56 27.20
N TYR A 19 4.71 -4.25 26.54
CA TYR A 19 5.30 -5.10 25.49
C TYR A 19 6.28 -6.18 25.97
N GLN A 20 6.79 -6.07 27.21
CA GLN A 20 7.82 -7.04 27.69
C GLN A 20 7.41 -8.50 27.67
N THR A 21 8.38 -9.36 27.30
CA THR A 21 8.21 -10.81 27.32
C THR A 21 9.11 -11.34 28.44
N GLU A 22 8.81 -12.54 28.93
CA GLU A 22 9.53 -13.20 30.02
C GLU A 22 11.02 -13.47 29.72
N ASP A 23 11.35 -13.68 28.43
CA ASP A 23 12.72 -13.93 27.96
C ASP A 23 13.52 -12.64 27.62
N GLY A 24 12.99 -11.49 28.03
CA GLY A 24 13.65 -10.19 27.90
C GLY A 24 13.57 -9.51 26.55
N LEU A 25 12.50 -9.76 25.79
CA LEU A 25 12.26 -9.15 24.50
C LEU A 25 10.97 -8.33 24.55
N LEU A 26 10.46 -7.91 23.37
CA LEU A 26 9.24 -7.12 23.27
C LEU A 26 8.34 -7.71 22.18
N THR A 27 7.01 -7.72 22.42
CA THR A 27 6.09 -8.25 21.41
C THR A 27 6.01 -7.30 20.22
N GLU A 28 5.58 -7.84 19.03
CA GLU A 28 5.48 -7.05 17.81
C GLU A 28 4.45 -5.92 17.96
N THR A 29 3.34 -6.20 18.68
CA THR A 29 2.27 -5.24 18.91
C THR A 29 1.71 -5.35 20.35
N TYR A 30 0.86 -4.38 20.74
CA TYR A 30 0.11 -4.41 22.00
C TYR A 30 -1.33 -3.91 21.77
N PRO A 31 -2.34 -4.76 22.11
CA PRO A 31 -2.20 -6.16 22.57
C PRO A 31 -1.64 -7.08 21.46
N VAL A 32 -1.27 -8.31 21.81
CA VAL A 32 -0.73 -9.25 20.80
C VAL A 32 -1.84 -9.69 19.82
N ASN A 33 -1.54 -9.71 18.52
CA ASN A 33 -2.47 -10.18 17.51
C ASN A 33 -2.19 -11.68 17.29
N PRO A 34 -3.14 -12.58 17.61
CA PRO A 34 -2.87 -14.02 17.40
C PRO A 34 -2.65 -14.41 15.94
N ASP A 35 -3.23 -13.61 15.00
CA ASP A 35 -3.15 -13.79 13.55
C ASP A 35 -2.21 -12.75 12.91
N GLN A 36 -1.12 -12.39 13.63
CA GLN A 36 -0.14 -11.39 13.19
C GLN A 36 0.47 -11.71 11.83
N LYS A 37 0.43 -10.70 10.96
CA LYS A 37 1.01 -10.78 9.62
C LYS A 37 2.21 -9.82 9.60
N ILE A 38 3.31 -10.22 8.95
CA ILE A 38 4.49 -9.41 8.78
C ILE A 38 4.65 -9.12 7.28
N THR A 39 4.49 -7.86 6.88
CA THR A 39 4.51 -7.47 5.48
C THR A 39 5.79 -6.79 4.99
N TYR A 40 6.78 -6.57 5.88
CA TYR A 40 7.99 -5.83 5.52
C TYR A 40 9.28 -6.61 5.23
N LEU A 41 9.16 -7.92 5.02
CA LEU A 41 10.33 -8.76 4.77
C LEU A 41 10.47 -9.07 3.29
N ALA A 42 11.70 -9.41 2.87
CA ALA A 42 12.00 -9.80 1.50
C ALA A 42 11.13 -11.00 1.12
N GLY A 43 10.49 -10.92 -0.05
CA GLY A 43 9.59 -11.95 -0.56
C GLY A 43 8.25 -11.98 0.13
N ASN A 48 5.40 -19.73 9.01
CA ASN A 48 5.74 -20.75 10.00
C ASN A 48 4.71 -20.80 11.16
N GLY A 49 5.21 -20.91 12.39
CA GLY A 49 4.39 -20.96 13.60
C GLY A 49 4.15 -19.60 14.22
N THR A 50 3.83 -19.60 15.53
CA THR A 50 3.51 -18.40 16.29
C THR A 50 4.74 -17.53 16.57
N LEU A 51 4.57 -16.21 16.47
CA LEU A 51 5.63 -15.26 16.79
C LEU A 51 5.77 -15.14 18.32
N LYS A 52 7.00 -15.06 18.83
CA LYS A 52 7.23 -14.99 20.27
C LYS A 52 8.05 -13.75 20.64
N ALA A 53 8.37 -12.91 19.64
CA ALA A 53 9.14 -11.70 19.79
C ALA A 53 8.85 -10.80 18.60
N SER A 54 9.36 -9.56 18.65
CA SER A 54 9.24 -8.65 17.54
C SER A 54 10.41 -8.91 16.58
N PHE A 55 10.31 -8.36 15.37
CA PHE A 55 11.43 -8.40 14.43
C PHE A 55 12.45 -7.33 14.85
N LEU A 56 13.64 -7.34 14.23
CA LEU A 56 14.71 -6.40 14.61
C LEU A 56 14.37 -4.92 14.38
N TRP A 57 13.75 -4.61 13.22
CA TRP A 57 13.38 -3.23 12.88
C TRP A 57 12.58 -2.54 14.01
N PRO A 58 11.40 -3.07 14.48
CA PRO A 58 10.69 -2.36 15.56
C PRO A 58 11.46 -2.37 16.88
N TYR A 59 12.16 -3.49 17.16
CA TYR A 59 12.94 -3.57 18.41
C TYR A 59 13.99 -2.44 18.47
N SER A 60 14.70 -2.17 17.35
N SER A 60 14.70 -2.17 17.35
CA SER A 60 15.75 -1.16 17.23
CA SER A 60 15.75 -1.16 17.22
C SER A 60 15.36 0.27 17.57
C SER A 60 15.36 0.28 17.56
N GLY A 61 14.06 0.59 17.44
CA GLY A 61 13.51 1.90 17.79
C GLY A 61 13.65 2.19 19.28
N MSE A 62 13.71 1.12 20.12
CA MSE A 62 13.89 1.24 21.57
C MSE A 62 15.31 1.73 21.88
O MSE A 62 15.50 2.48 22.84
CB MSE A 62 13.62 -0.08 22.28
CG MSE A 62 12.14 -0.50 22.17
SE MSE A 62 10.96 0.77 23.05
CE MSE A 62 11.19 0.17 24.86
N MSE A 63 16.30 1.30 21.07
CA MSE A 63 17.67 1.73 21.24
C MSE A 63 17.82 3.22 20.81
O MSE A 63 18.48 3.97 21.54
CB MSE A 63 18.62 0.82 20.42
CG MSE A 63 20.10 1.21 20.57
SE MSE A 63 21.27 0.10 19.48
CE MSE A 63 22.89 0.68 20.13
N SER A 64 17.23 3.64 19.68
CA SER A 64 17.28 5.05 19.21
C SER A 64 16.66 5.96 20.28
N GLY A 65 15.50 5.57 20.83
CA GLY A 65 14.80 6.27 21.88
C GLY A 65 15.58 6.42 23.15
N CYS A 66 16.11 5.31 23.70
CA CYS A 66 16.92 5.32 24.93
C CYS A 66 18.20 6.15 24.78
N VAL A 67 18.87 6.05 23.62
CA VAL A 67 20.09 6.84 23.37
C VAL A 67 19.73 8.34 23.28
N ALA A 68 18.65 8.69 22.57
CA ALA A 68 18.18 10.09 22.43
C ALA A 68 17.86 10.67 23.80
N MSE A 69 17.20 9.89 24.68
CA MSE A 69 16.84 10.33 26.02
CA MSE A 69 16.82 10.28 26.05
C MSE A 69 18.06 10.53 26.92
O MSE A 69 18.09 11.50 27.65
CB MSE A 69 15.80 9.39 26.63
CB MSE A 69 15.95 9.18 26.70
CG MSE A 69 14.38 9.72 26.16
CG MSE A 69 14.55 9.09 26.11
SE MSE A 69 13.86 11.52 26.67
SE MSE A 69 13.08 9.35 27.38
CE MSE A 69 13.34 11.17 28.49
CE MSE A 69 13.43 11.23 27.80
N TYR A 70 19.07 9.65 26.80
CA TYR A 70 20.31 9.80 27.56
C TYR A 70 21.08 11.06 27.09
N GLN A 71 21.06 11.33 25.76
CA GLN A 71 21.69 12.50 25.17
C GLN A 71 20.98 13.81 25.65
N ALA A 72 19.61 13.87 25.57
CA ALA A 72 18.79 15.03 25.96
C ALA A 72 18.87 15.37 27.44
N THR A 73 18.88 14.34 28.32
CA THR A 73 18.76 14.55 29.77
C THR A 73 20.01 14.28 30.61
N GLY A 74 20.83 13.31 30.20
CA GLY A 74 21.99 12.89 30.97
C GLY A 74 21.62 12.03 32.16
N ASP A 75 20.35 11.58 32.22
CA ASP A 75 19.82 10.80 33.34
C ASP A 75 20.24 9.34 33.24
N LYS A 76 20.96 8.83 34.28
CA LYS A 76 21.44 7.44 34.34
C LYS A 76 20.32 6.39 34.22
N LYS A 77 19.05 6.79 34.47
CA LYS A 77 17.89 5.89 34.32
C LYS A 77 17.91 5.21 32.90
N TYR A 78 18.19 5.99 31.85
CA TYR A 78 18.23 5.56 30.44
C TYR A 78 19.47 4.74 30.12
N LYS A 79 20.60 5.06 30.78
CA LYS A 79 21.82 4.26 30.63
C LYS A 79 21.55 2.83 31.20
N THR A 80 20.89 2.76 32.37
CA THR A 80 20.53 1.50 33.02
C THR A 80 19.59 0.66 32.14
N ILE A 81 18.57 1.29 31.52
CA ILE A 81 17.63 0.59 30.63
C ILE A 81 18.38 -0.02 29.43
N LEU A 82 19.32 0.72 28.83
CA LEU A 82 20.14 0.22 27.74
C LEU A 82 21.08 -0.92 28.15
N GLU A 83 21.81 -0.76 29.27
CA GLU A 83 22.74 -1.77 29.76
C GLU A 83 22.11 -3.06 30.25
N LYS A 84 20.98 -2.96 30.96
CA LYS A 84 20.32 -4.14 31.55
C LYS A 84 19.20 -4.76 30.73
N ARG A 85 18.50 -3.97 29.89
CA ARG A 85 17.34 -4.48 29.15
C ARG A 85 17.46 -4.49 27.62
N ILE A 86 17.69 -3.32 27.00
CA ILE A 86 17.69 -3.14 25.54
C ILE A 86 18.85 -3.81 24.81
N LEU A 87 20.10 -3.54 25.25
CA LEU A 87 21.28 -4.14 24.62
C LEU A 87 21.40 -5.66 24.83
N PRO A 88 21.07 -6.25 26.02
CA PRO A 88 21.06 -7.72 26.11
C PRO A 88 19.93 -8.33 25.25
N GLY A 89 18.85 -7.58 25.06
CA GLY A 89 17.74 -8.01 24.20
C GLY A 89 18.19 -8.02 22.75
N LEU A 90 18.90 -6.95 22.32
CA LEU A 90 19.44 -6.84 20.96
C LEU A 90 20.43 -7.99 20.63
N GLU A 91 21.26 -8.42 21.60
CA GLU A 91 22.22 -9.52 21.41
C GLU A 91 21.58 -10.85 21.04
N GLN A 92 20.28 -11.04 21.38
CA GLN A 92 19.54 -12.26 21.06
C GLN A 92 19.35 -12.37 19.51
N TYR A 93 19.64 -11.28 18.75
CA TYR A 93 19.53 -11.21 17.29
C TYR A 93 20.89 -11.38 16.61
N TRP A 94 22.00 -11.36 17.39
CA TRP A 94 23.35 -11.44 16.83
C TRP A 94 23.65 -12.79 16.16
N ASP A 95 23.87 -12.79 14.84
CA ASP A 95 24.19 -13.98 14.05
C ASP A 95 25.69 -13.95 13.64
N GLY A 96 26.51 -14.68 14.38
CA GLY A 96 27.95 -14.79 14.14
C GLY A 96 28.31 -16.00 13.30
N GLU A 97 27.29 -16.80 12.89
CA GLU A 97 27.45 -18.02 12.09
C GLU A 97 27.69 -17.70 10.60
N ARG A 98 26.84 -16.82 10.01
CA ARG A 98 26.97 -16.37 8.64
C ARG A 98 27.80 -15.10 8.67
N LEU A 99 28.72 -14.96 7.69
CA LEU A 99 29.68 -13.87 7.71
C LEU A 99 29.59 -12.81 6.60
N PRO A 100 29.98 -11.55 6.89
CA PRO A 100 30.41 -10.98 8.20
C PRO A 100 29.27 -11.01 9.23
N ALA A 101 29.63 -11.16 10.50
CA ALA A 101 28.67 -11.23 11.61
C ALA A 101 27.86 -9.91 11.72
N CYS A 102 26.57 -10.04 12.05
CA CYS A 102 25.66 -8.91 12.15
C CYS A 102 24.39 -9.32 12.91
N TYR A 103 23.44 -8.37 13.04
CA TYR A 103 22.16 -8.68 13.66
C TYR A 103 21.18 -9.08 12.56
N GLN A 104 20.63 -10.30 12.69
CA GLN A 104 19.61 -10.82 11.79
C GLN A 104 18.22 -10.32 12.23
N SER A 105 17.23 -10.42 11.35
CA SER A 105 15.88 -9.86 11.53
C SER A 105 14.99 -10.45 12.62
N TYR A 106 15.31 -11.65 13.13
CA TYR A 106 14.50 -12.32 14.17
C TYR A 106 15.47 -13.05 15.15
N PRO A 107 15.12 -13.29 16.45
CA PRO A 107 16.10 -13.91 17.37
C PRO A 107 16.69 -15.23 16.88
N VAL A 108 18.02 -15.41 17.08
CA VAL A 108 18.81 -16.59 16.67
C VAL A 108 18.36 -17.90 17.27
N LYS A 109 17.68 -17.88 18.45
CA LYS A 109 17.18 -19.10 19.07
C LYS A 109 16.04 -19.71 18.24
N TYR A 110 15.52 -18.94 17.27
CA TYR A 110 14.45 -19.42 16.41
C TYR A 110 14.97 -19.84 15.02
N GLY A 111 16.29 -19.99 14.92
CA GLY A 111 16.96 -20.40 13.68
C GLY A 111 17.46 -19.24 12.84
N GLN A 112 17.88 -19.55 11.60
CA GLN A 112 18.36 -18.53 10.66
C GLN A 112 17.22 -17.72 10.08
N HIS A 113 17.33 -16.40 10.10
CA HIS A 113 16.32 -15.53 9.51
C HIS A 113 17.06 -14.47 8.68
N GLY A 114 16.37 -13.83 7.76
CA GLY A 114 16.97 -12.83 6.87
C GLY A 114 17.82 -11.77 7.54
N ARG A 115 18.91 -11.38 6.87
CA ARG A 115 19.81 -10.35 7.39
C ARG A 115 19.76 -9.17 6.45
N TYR A 116 19.51 -7.99 7.05
CA TYR A 116 19.33 -6.78 6.25
C TYR A 116 20.45 -5.78 6.48
N TYR A 117 21.03 -5.28 5.40
CA TYR A 117 22.08 -4.28 5.46
C TYR A 117 21.58 -3.00 6.16
N ASP A 118 20.35 -2.54 5.82
CA ASP A 118 19.81 -1.33 6.43
C ASP A 118 19.50 -1.45 7.94
N ASP A 119 18.98 -2.63 8.43
CA ASP A 119 18.72 -2.87 9.87
C ASP A 119 20.00 -2.58 10.66
N ASN A 120 21.13 -3.07 10.14
CA ASN A 120 22.44 -2.89 10.75
C ASN A 120 22.96 -1.45 10.69
N ILE A 121 22.52 -0.63 9.73
CA ILE A 121 22.93 0.79 9.66
C ILE A 121 22.34 1.57 10.85
N TRP A 122 21.01 1.42 11.09
CA TRP A 122 20.32 2.13 12.19
C TRP A 122 20.94 1.81 13.56
N ILE A 123 21.28 0.52 13.78
CA ILE A 123 21.92 0.08 15.01
C ILE A 123 23.37 0.66 15.09
N ALA A 124 24.15 0.59 13.98
CA ALA A 124 25.53 1.14 13.94
C ALA A 124 25.53 2.66 14.25
N LEU A 125 24.53 3.40 13.73
CA LEU A 125 24.35 4.84 13.98
C LEU A 125 24.14 5.11 15.47
N ASP A 126 23.28 4.31 16.13
CA ASP A 126 23.00 4.47 17.58
C ASP A 126 24.22 4.08 18.40
N TYR A 127 25.01 3.09 17.94
CA TYR A 127 26.25 2.69 18.62
C TYR A 127 27.27 3.82 18.54
N CYS A 128 27.33 4.55 17.39
CA CYS A 128 28.20 5.73 17.23
C CYS A 128 27.83 6.81 18.26
N ASP A 129 26.54 7.17 18.31
CA ASP A 129 26.03 8.18 19.25
C ASP A 129 26.19 7.78 20.71
N TYR A 130 25.92 6.50 21.05
CA TYR A 130 26.04 6.00 22.42
C TYR A 130 27.51 5.86 22.85
N TYR A 131 28.43 5.51 21.93
CA TYR A 131 29.86 5.50 22.22
C TYR A 131 30.31 6.93 22.57
N ARG A 132 29.87 7.94 21.79
CA ARG A 132 30.23 9.35 22.06
C ARG A 132 29.75 9.76 23.48
N LEU A 133 28.57 9.25 23.89
CA LEU A 133 28.00 9.57 25.21
C LEU A 133 28.61 8.81 26.40
N THR A 134 29.19 7.61 26.19
CA THR A 134 29.71 6.77 27.30
C THR A 134 31.23 6.44 27.26
N LYS A 135 31.86 6.53 26.06
CA LYS A 135 33.28 6.20 25.80
C LYS A 135 33.64 4.72 26.06
N LYS A 136 32.61 3.85 26.11
CA LYS A 136 32.82 2.42 26.34
C LYS A 136 33.27 1.80 25.02
N ALA A 137 34.54 1.35 24.97
CA ALA A 137 35.21 0.74 23.82
C ALA A 137 34.35 -0.21 22.97
N ASP A 138 33.58 -1.12 23.62
CA ASP A 138 32.69 -2.12 23.00
C ASP A 138 31.76 -1.54 21.95
N TYR A 139 31.21 -0.34 22.19
CA TYR A 139 30.27 0.31 21.27
C TYR A 139 30.92 0.79 19.99
N LEU A 140 32.14 1.35 20.07
CA LEU A 140 32.90 1.76 18.86
C LEU A 140 33.26 0.52 18.01
N LYS A 141 33.63 -0.59 18.67
CA LYS A 141 34.00 -1.84 18.03
C LYS A 141 32.81 -2.43 17.28
N LYS A 142 31.62 -2.40 17.90
CA LYS A 142 30.37 -2.87 17.32
C LYS A 142 30.06 -2.05 16.08
N ALA A 143 30.16 -0.70 16.18
CA ALA A 143 29.93 0.23 15.06
C ALA A 143 30.88 -0.02 13.86
N ILE A 144 32.19 -0.26 14.13
CA ILE A 144 33.17 -0.55 13.07
C ILE A 144 32.88 -1.91 12.42
N ALA A 145 32.58 -2.97 13.24
CA ALA A 145 32.24 -4.32 12.78
C ALA A 145 30.97 -4.30 11.92
N LEU A 146 29.97 -3.52 12.36
CA LEU A 146 28.72 -3.37 11.60
C LEU A 146 28.94 -2.70 10.25
N TYR A 147 29.82 -1.70 10.19
CA TYR A 147 30.16 -0.96 8.97
C TYR A 147 30.79 -1.93 7.94
N GLU A 148 31.65 -2.84 8.40
CA GLU A 148 32.28 -3.84 7.55
C GLU A 148 31.24 -4.74 6.89
N TYR A 149 30.21 -5.14 7.66
CA TYR A 149 29.10 -5.94 7.15
C TYR A 149 28.29 -5.10 6.16
N ILE A 150 27.98 -3.85 6.51
CA ILE A 150 27.19 -2.96 5.66
C ILE A 150 27.86 -2.83 4.29
N TYR A 151 29.18 -2.56 4.28
CA TYR A 151 29.91 -2.41 3.03
C TYR A 151 30.25 -3.71 2.29
N SER A 152 29.95 -4.89 2.90
CA SER A 152 30.06 -6.18 2.21
C SER A 152 28.81 -6.29 1.28
N GLY A 153 27.86 -5.35 1.47
CA GLY A 153 26.65 -5.21 0.68
C GLY A 153 26.82 -4.29 -0.52
N TRP A 154 28.00 -3.67 -0.66
CA TRP A 154 28.33 -2.81 -1.82
C TRP A 154 28.84 -3.72 -2.95
N SER A 155 28.62 -3.32 -4.20
CA SER A 155 29.13 -3.99 -5.41
C SER A 155 29.28 -2.95 -6.52
N ASP A 156 30.07 -3.28 -7.57
CA ASP A 156 30.30 -2.40 -8.70
C ASP A 156 29.13 -2.40 -9.71
N GLU A 157 28.16 -3.31 -9.53
CA GLU A 157 26.94 -3.42 -10.34
C GLU A 157 26.18 -2.09 -10.23
N LEU A 158 25.83 -1.49 -11.39
CA LEU A 158 25.14 -0.18 -11.51
C LEU A 158 26.07 1.00 -11.13
N GLY A 159 27.38 0.73 -11.12
CA GLY A 159 28.41 1.70 -10.79
C GLY A 159 28.69 1.89 -9.31
N GLY A 160 28.00 1.13 -8.47
CA GLY A 160 28.14 1.20 -7.03
C GLY A 160 26.81 1.02 -6.31
N GLY A 161 26.78 1.41 -5.03
CA GLY A 161 25.58 1.32 -4.20
C GLY A 161 25.50 0.05 -3.39
N ILE A 162 24.71 0.08 -2.32
CA ILE A 162 24.54 -1.04 -1.38
C ILE A 162 23.16 -1.69 -1.57
N PHE A 163 23.11 -3.03 -1.46
CA PHE A 163 21.89 -3.84 -1.51
C PHE A 163 21.05 -3.63 -0.21
N TRP A 164 19.90 -4.28 -0.10
CA TRP A 164 18.99 -4.17 1.04
C TRP A 164 18.99 -5.45 1.88
N CYS A 165 18.68 -6.60 1.26
CA CYS A 165 18.63 -7.90 1.95
C CYS A 165 19.75 -8.79 1.44
N GLU A 166 20.65 -9.19 2.35
CA GLU A 166 21.76 -10.08 2.05
C GLU A 166 21.34 -11.39 1.33
N GLN A 167 20.16 -11.93 1.65
CA GLN A 167 19.66 -13.18 1.07
C GLN A 167 18.89 -13.03 -0.26
N GLN A 168 18.67 -11.76 -0.70
CA GLN A 168 17.93 -11.45 -1.94
C GLN A 168 18.49 -10.15 -2.56
N LYS A 169 19.68 -10.25 -3.18
CA LYS A 169 20.41 -9.10 -3.74
C LYS A 169 19.90 -8.78 -5.14
N GLU A 170 18.77 -8.04 -5.22
CA GLU A 170 18.13 -7.72 -6.49
C GLU A 170 18.16 -6.24 -6.86
N ALA A 171 18.39 -5.35 -5.89
CA ALA A 171 18.38 -3.90 -6.14
C ALA A 171 19.23 -3.14 -5.14
N LYS A 172 19.59 -1.89 -5.50
CA LYS A 172 20.34 -0.96 -4.66
C LYS A 172 19.37 0.12 -4.22
N HIS A 173 19.25 0.33 -2.88
CA HIS A 173 18.21 1.14 -2.24
C HIS A 173 18.68 2.43 -1.57
N THR A 174 17.85 3.48 -1.60
CA THR A 174 18.14 4.74 -0.91
C THR A 174 18.18 4.48 0.59
N CYS A 175 17.31 3.57 1.10
CA CYS A 175 17.23 3.23 2.52
C CYS A 175 18.49 2.52 3.07
N SER A 176 19.38 2.05 2.16
N SER A 176 19.40 2.08 2.20
CA SER A 176 20.63 1.32 2.45
CA SER A 176 20.65 1.53 2.70
C SER A 176 21.91 2.09 2.07
C SER A 176 21.75 2.57 2.48
N ASN A 177 21.76 3.19 1.30
CA ASN A 177 22.79 4.12 0.87
C ASN A 177 22.78 5.51 1.56
N ALA A 178 21.60 6.12 1.77
CA ALA A 178 21.50 7.44 2.46
C ALA A 178 21.92 7.37 3.94
N PRO A 179 21.35 6.48 4.82
CA PRO A 179 21.84 6.44 6.22
C PRO A 179 23.28 5.93 6.31
N SER A 180 23.75 5.14 5.31
CA SER A 180 25.14 4.65 5.19
C SER A 180 26.11 5.83 5.08
N THR A 181 25.72 6.91 4.36
CA THR A 181 26.50 8.14 4.19
C THR A 181 26.66 8.82 5.56
N VAL A 182 25.54 8.98 6.31
CA VAL A 182 25.48 9.55 7.68
C VAL A 182 26.42 8.74 8.58
N LEU A 183 26.37 7.40 8.46
CA LEU A 183 27.21 6.48 9.23
C LEU A 183 28.71 6.71 8.97
N GLY A 184 29.10 6.86 7.70
CA GLY A 184 30.47 7.15 7.30
C GLY A 184 31.02 8.42 7.93
N VAL A 185 30.21 9.52 7.92
CA VAL A 185 30.59 10.80 8.51
C VAL A 185 30.76 10.64 10.04
N LYS A 186 29.82 9.94 10.69
CA LYS A 186 29.91 9.71 12.14
C LYS A 186 31.15 8.90 12.51
N LEU A 187 31.49 7.88 11.72
CA LEU A 187 32.70 7.07 11.96
C LEU A 187 33.98 7.86 11.66
N TYR A 188 33.92 8.77 10.65
CA TYR A 188 35.07 9.64 10.35
C TYR A 188 35.37 10.57 11.54
N ARG A 189 34.31 11.11 12.20
CA ARG A 189 34.43 12.00 13.37
C ARG A 189 35.03 11.32 14.59
N LEU A 190 34.68 10.04 14.81
CA LEU A 190 35.17 9.25 15.94
C LEU A 190 36.57 8.67 15.75
N THR A 191 36.93 8.30 14.51
CA THR A 191 38.22 7.65 14.22
C THR A 191 39.26 8.51 13.51
N LYS A 192 38.82 9.59 12.82
CA LYS A 192 39.67 10.47 11.99
C LYS A 192 40.21 9.74 10.74
N ASP A 193 39.73 8.51 10.44
CA ASP A 193 40.18 7.73 9.29
C ASP A 193 39.47 8.23 8.04
N LYS A 194 40.23 8.88 7.14
CA LYS A 194 39.76 9.48 5.87
C LYS A 194 39.01 8.52 4.95
N LYS A 195 39.27 7.19 5.05
CA LYS A 195 38.58 6.17 4.27
C LYS A 195 37.04 6.24 4.45
N TYR A 196 36.58 6.57 5.68
CA TYR A 196 35.16 6.72 6.00
C TYR A 196 34.55 7.94 5.29
N LEU A 197 35.29 9.06 5.24
CA LEU A 197 34.82 10.29 4.58
C LEU A 197 34.77 10.12 3.06
N ASN A 198 35.78 9.45 2.48
CA ASN A 198 35.86 9.18 1.06
C ASN A 198 34.72 8.27 0.60
N LYS A 199 34.41 7.22 1.38
CA LYS A 199 33.36 6.28 1.04
C LYS A 199 31.97 6.93 1.18
N ALA A 200 31.81 7.82 2.19
CA ALA A 200 30.62 8.60 2.45
C ALA A 200 30.36 9.50 1.25
N LYS A 201 31.43 10.17 0.72
CA LYS A 201 31.32 11.05 -0.45
C LYS A 201 30.93 10.24 -1.69
N GLU A 202 31.50 9.04 -1.83
CA GLU A 202 31.23 8.20 -3.00
C GLU A 202 29.80 7.64 -2.97
N THR A 203 29.34 7.21 -1.78
CA THR A 203 27.99 6.66 -1.60
C THR A 203 26.95 7.75 -1.86
N TYR A 204 27.20 8.97 -1.36
CA TYR A 204 26.32 10.14 -1.58
C TYR A 204 26.22 10.46 -3.06
N ALA A 205 27.37 10.54 -3.77
CA ALA A 205 27.44 10.89 -5.20
C ALA A 205 26.67 9.87 -6.05
N TRP A 206 26.79 8.57 -5.73
CA TRP A 206 26.09 7.50 -6.42
C TRP A 206 24.57 7.65 -6.26
N THR A 207 24.11 7.84 -5.00
CA THR A 207 22.70 8.01 -4.65
C THR A 207 22.11 9.25 -5.33
N ARG A 208 22.81 10.40 -5.27
CA ARG A 208 22.36 11.64 -5.89
CA ARG A 208 22.36 11.65 -5.89
C ARG A 208 22.17 11.47 -7.41
N LYS A 209 23.18 10.89 -8.10
CA LYS A 209 23.15 10.66 -9.56
C LYS A 209 22.00 9.76 -10.02
N HIS A 210 21.83 8.60 -9.40
CA HIS A 210 20.85 7.58 -9.79
C HIS A 210 19.47 7.66 -9.12
N LEU A 211 19.38 8.19 -7.88
CA LEU A 211 18.11 8.17 -7.13
C LEU A 211 17.40 9.49 -6.80
N CYS A 212 18.02 10.64 -7.11
CA CYS A 212 17.40 11.96 -6.87
C CYS A 212 16.57 12.35 -8.09
N ASP A 213 15.27 12.66 -7.89
CA ASP A 213 14.39 13.11 -8.97
C ASP A 213 14.80 14.55 -9.35
N PRO A 214 15.28 14.81 -10.59
CA PRO A 214 15.70 16.18 -10.96
C PRO A 214 14.58 17.22 -11.00
N ASP A 215 13.32 16.78 -11.09
CA ASP A 215 12.15 17.66 -11.13
C ASP A 215 11.77 18.24 -9.76
N ASP A 216 11.90 17.47 -8.67
CA ASP A 216 11.47 17.99 -7.36
C ASP A 216 12.48 17.82 -6.22
N PHE A 217 13.65 17.24 -6.51
CA PHE A 217 14.76 17.00 -5.56
C PHE A 217 14.40 15.98 -4.46
N LEU A 218 13.37 15.14 -4.73
CA LEU A 218 12.97 14.06 -3.82
C LEU A 218 13.64 12.77 -4.26
N TYR A 219 13.89 11.85 -3.30
CA TYR A 219 14.57 10.59 -3.56
C TYR A 219 13.66 9.44 -3.87
N TRP A 220 13.94 8.79 -5.01
CA TRP A 220 13.28 7.58 -5.46
C TRP A 220 13.69 6.42 -4.52
N ASP A 221 13.01 5.28 -4.58
CA ASP A 221 13.26 4.18 -3.65
C ASP A 221 14.47 3.29 -3.93
N ASN A 222 14.57 2.74 -5.13
CA ASN A 222 15.66 1.82 -5.44
C ASN A 222 15.85 1.68 -6.96
N ILE A 223 16.93 1.03 -7.39
CA ILE A 223 17.26 0.75 -8.79
C ILE A 223 17.69 -0.72 -8.85
N ASN A 224 16.96 -1.55 -9.62
CA ASN A 224 17.28 -2.99 -9.70
C ASN A 224 18.50 -3.32 -10.56
N LEU A 225 18.92 -4.59 -10.58
CA LEU A 225 20.07 -5.01 -11.36
C LEU A 225 19.88 -4.89 -12.90
N LYS A 226 18.62 -4.80 -13.37
CA LYS A 226 18.30 -4.59 -14.79
C LYS A 226 18.24 -3.09 -15.14
N GLY A 227 18.50 -2.22 -14.15
CA GLY A 227 18.52 -0.78 -14.35
C GLY A 227 17.21 -0.05 -14.20
N LYS A 228 16.16 -0.76 -13.76
CA LYS A 228 14.81 -0.21 -13.56
C LYS A 228 14.71 0.50 -12.20
N VAL A 229 14.38 1.81 -12.23
CA VAL A 229 14.21 2.60 -11.02
C VAL A 229 12.77 2.43 -10.46
N SER A 230 12.64 2.24 -9.15
CA SER A 230 11.34 2.23 -8.48
C SER A 230 11.21 3.65 -7.92
N LYS A 231 10.26 4.42 -8.48
CA LYS A 231 10.06 5.83 -8.17
C LYS A 231 9.22 6.22 -6.94
N ASP A 232 8.90 5.24 -6.08
CA ASP A 232 8.15 5.47 -4.83
C ASP A 232 8.94 6.39 -3.91
N LYS A 233 8.27 7.43 -3.37
CA LYS A 233 8.91 8.44 -2.53
C LYS A 233 8.46 8.35 -1.06
N TYR A 234 9.43 8.06 -0.18
CA TYR A 234 9.22 7.93 1.26
C TYR A 234 9.99 8.98 2.02
N ALA A 235 9.39 9.50 3.10
CA ALA A 235 9.93 10.60 3.91
C ALA A 235 11.31 10.31 4.49
N TYR A 236 11.57 9.07 4.91
CA TYR A 236 12.87 8.72 5.50
C TYR A 236 14.05 8.71 4.49
N ASN A 237 13.74 8.51 3.21
CA ASN A 237 14.76 8.43 2.15
C ASN A 237 15.26 9.83 1.79
N SER A 238 14.32 10.76 1.59
CA SER A 238 14.67 12.16 1.37
C SER A 238 15.26 12.72 2.68
N GLY A 239 14.73 12.32 3.85
CA GLY A 239 15.20 12.76 5.18
C GLY A 239 16.65 12.42 5.49
N GLN A 240 17.10 11.22 5.09
CA GLN A 240 18.50 10.83 5.30
C GLN A 240 19.45 11.50 4.32
N MSE A 241 18.99 11.85 3.10
CA MSE A 241 19.82 12.60 2.16
C MSE A 241 19.98 14.04 2.60
O MSE A 241 21.04 14.61 2.37
CB MSE A 241 19.34 12.47 0.70
CG MSE A 241 19.63 11.08 0.08
SE MSE A 241 21.54 10.56 0.02
CE MSE A 241 22.11 11.57 -1.49
N ILE A 242 18.97 14.62 3.30
CA ILE A 242 19.05 15.99 3.88
C ILE A 242 20.15 15.93 4.99
N GLN A 243 20.06 14.96 5.93
CA GLN A 243 21.03 14.81 7.02
C GLN A 243 22.45 14.54 6.47
N ALA A 244 22.58 13.66 5.44
CA ALA A 244 23.84 13.32 4.78
C ALA A 244 24.46 14.59 4.16
N GLY A 245 23.64 15.37 3.43
CA GLY A 245 24.07 16.62 2.81
C GLY A 245 24.61 17.63 3.82
N VAL A 246 23.86 17.86 4.93
CA VAL A 246 24.28 18.78 6.01
C VAL A 246 25.64 18.36 6.61
N LEU A 247 25.78 17.06 6.95
CA LEU A 247 27.00 16.50 7.54
CA LEU A 247 26.99 16.48 7.54
C LEU A 247 28.20 16.57 6.60
N LEU A 248 27.97 16.34 5.30
CA LEU A 248 29.05 16.43 4.31
C LEU A 248 29.45 17.89 4.09
N TYR A 249 28.48 18.81 4.22
CA TYR A 249 28.78 20.26 4.14
C TYR A 249 29.64 20.67 5.36
N GLU A 250 29.30 20.15 6.56
CA GLU A 250 30.02 20.44 7.82
C GLU A 250 31.45 19.94 7.76
N GLU A 251 31.70 18.84 6.99
CA GLU A 251 33.01 18.22 6.85
C GLU A 251 33.91 18.80 5.75
N THR A 252 33.31 19.34 4.68
CA THR A 252 34.03 19.82 3.50
C THR A 252 33.99 21.34 3.25
N GLY A 253 32.93 22.01 3.71
CA GLY A 253 32.71 23.43 3.45
C GLY A 253 32.15 23.65 2.06
N ASP A 254 31.88 22.56 1.32
CA ASP A 254 31.34 22.61 -0.03
C ASP A 254 29.85 22.93 0.04
N LYS A 255 29.50 24.16 -0.39
CA LYS A 255 28.13 24.68 -0.37
C LYS A 255 27.13 23.85 -1.22
N ASP A 256 27.61 23.11 -2.24
CA ASP A 256 26.75 22.26 -3.08
C ASP A 256 25.98 21.25 -2.23
N TYR A 257 26.63 20.72 -1.16
CA TYR A 257 25.98 19.74 -0.24
C TYR A 257 24.87 20.40 0.54
N LEU A 258 25.07 21.67 0.97
CA LEU A 258 24.07 22.44 1.72
C LEU A 258 22.90 22.78 0.83
N ARG A 259 23.20 23.25 -0.39
CA ARG A 259 22.21 23.60 -1.39
C ARG A 259 21.29 22.38 -1.70
N ASP A 260 21.88 21.16 -1.87
CA ASP A 260 21.16 19.90 -2.05
C ASP A 260 20.19 19.67 -0.90
N ALA A 261 20.69 19.81 0.36
CA ALA A 261 19.92 19.59 1.58
C ALA A 261 18.71 20.53 1.66
N GLN A 262 18.92 21.83 1.32
CA GLN A 262 17.85 22.85 1.34
C GLN A 262 16.79 22.58 0.28
N LYS A 263 17.21 22.15 -0.92
CA LYS A 263 16.29 21.84 -2.02
C LYS A 263 15.44 20.60 -1.73
N THR A 264 16.06 19.54 -1.21
CA THR A 264 15.36 18.33 -0.84
C THR A 264 14.39 18.64 0.33
N ALA A 265 14.85 19.41 1.34
CA ALA A 265 14.01 19.76 2.51
C ALA A 265 12.77 20.55 2.13
N ALA A 266 12.92 21.59 1.26
CA ALA A 266 11.77 22.36 0.79
C ALA A 266 10.79 21.47 0.02
N GLY A 267 11.30 20.63 -0.88
CA GLY A 267 10.49 19.70 -1.66
C GLY A 267 9.81 18.65 -0.79
N THR A 268 10.50 18.22 0.27
CA THR A 268 10.00 17.19 1.22
C THR A 268 8.80 17.74 2.02
N ASP A 269 8.96 18.93 2.61
CA ASP A 269 7.89 19.53 3.41
C ASP A 269 6.64 19.72 2.54
N ALA A 270 6.79 20.28 1.32
CA ALA A 270 5.65 20.49 0.40
C ALA A 270 4.93 19.19 0.00
N PHE A 271 5.69 18.11 -0.31
CA PHE A 271 5.12 16.84 -0.75
C PHE A 271 4.52 16.01 0.39
N PHE A 272 5.26 15.84 1.50
CA PHE A 272 4.84 15.00 2.64
C PHE A 272 3.87 15.66 3.65
N ARG A 273 3.98 16.97 3.91
CA ARG A 273 3.06 17.64 4.86
C ARG A 273 1.84 18.14 4.08
N SER A 274 1.00 17.17 3.70
CA SER A 274 -0.11 17.35 2.79
C SER A 274 -1.39 16.62 3.16
N LYS A 275 -1.41 15.90 4.27
CA LYS A 275 -2.60 15.13 4.63
C LYS A 275 -3.54 15.92 5.58
N ALA A 276 -4.85 15.93 5.30
CA ALA A 276 -5.82 16.63 6.15
C ALA A 276 -5.98 15.94 7.51
N ASP A 277 -5.84 16.71 8.61
CA ASP A 277 -6.00 16.22 9.99
C ASP A 277 -7.47 15.83 10.25
N LYS A 278 -7.72 14.79 11.05
CA LYS A 278 -9.08 14.34 11.37
C LYS A 278 -9.81 15.36 12.22
N LYS A 279 -9.21 15.78 13.36
CA LYS A 279 -9.82 16.76 14.28
C LYS A 279 -10.01 18.14 13.61
N ASP A 280 -8.96 18.66 12.93
CA ASP A 280 -9.04 19.95 12.26
C ASP A 280 -8.64 19.79 10.80
N PRO A 281 -9.64 19.60 9.90
CA PRO A 281 -9.32 19.37 8.48
C PRO A 281 -8.54 20.47 7.75
N SER A 282 -8.48 21.69 8.31
CA SER A 282 -7.70 22.81 7.74
C SER A 282 -6.17 22.68 8.01
N VAL A 283 -5.76 21.76 8.92
CA VAL A 283 -4.35 21.55 9.25
C VAL A 283 -3.73 20.41 8.40
N LYS A 284 -2.57 20.68 7.78
CA LYS A 284 -1.82 19.70 6.97
C LYS A 284 -0.92 18.88 7.88
N VAL A 285 -0.92 17.56 7.68
CA VAL A 285 -0.15 16.61 8.52
C VAL A 285 0.78 15.77 7.64
N HIS A 286 1.95 15.40 8.18
CA HIS A 286 2.89 14.49 7.50
C HIS A 286 2.17 13.18 7.19
N LYS A 287 2.16 12.82 5.90
CA LYS A 287 1.44 11.66 5.38
C LYS A 287 2.09 10.30 5.65
N ASP A 288 3.44 10.25 5.74
CA ASP A 288 4.16 8.99 5.93
C ASP A 288 4.08 8.39 7.35
N MSE A 289 4.43 7.09 7.52
CA MSE A 289 4.31 6.42 8.84
C MSE A 289 5.18 7.13 9.85
O MSE A 289 6.18 7.75 9.46
CB MSE A 289 4.68 4.91 8.78
CG MSE A 289 6.19 4.66 8.69
SE MSE A 289 6.75 2.80 8.81
CE MSE A 289 6.27 2.33 7.08
N SER A 290 4.80 7.04 11.13
N SER A 290 4.80 7.04 11.14
CA SER A 290 5.46 7.68 12.26
CA SER A 290 5.47 7.71 12.25
C SER A 290 6.98 7.58 12.25
C SER A 290 7.00 7.58 12.23
N TRP A 291 7.54 6.34 12.13
CA TRP A 291 9.01 6.16 12.12
C TRP A 291 9.73 6.84 10.96
N PHE A 292 9.13 6.84 9.72
CA PHE A 292 9.73 7.54 8.57
C PHE A 292 9.79 9.05 8.89
N ASN A 293 8.76 9.61 9.58
CA ASN A 293 8.73 11.04 9.97
C ASN A 293 9.82 11.36 11.01
N VAL A 294 10.08 10.44 11.97
CA VAL A 294 11.09 10.60 13.03
C VAL A 294 12.51 10.63 12.39
N ILE A 295 12.75 9.76 11.39
CA ILE A 295 14.01 9.73 10.63
C ILE A 295 14.15 11.04 9.81
N LEU A 296 13.06 11.51 9.20
CA LEU A 296 13.07 12.79 8.47
C LEU A 296 13.39 13.96 9.43
N PHE A 297 12.84 13.91 10.68
CA PHE A 297 13.11 14.94 11.69
C PHE A 297 14.60 15.08 11.99
N ARG A 298 15.40 13.98 11.84
CA ARG A 298 16.88 14.01 12.03
C ARG A 298 17.49 14.93 10.96
N GLY A 299 16.96 14.86 9.74
CA GLY A 299 17.42 15.69 8.62
C GLY A 299 17.00 17.13 8.77
N PHE A 300 15.71 17.35 9.12
CA PHE A 300 15.21 18.74 9.32
C PHE A 300 15.91 19.41 10.48
N LYS A 301 16.09 18.72 11.62
CA LYS A 301 16.78 19.28 12.80
C LYS A 301 18.24 19.60 12.47
N ALA A 302 18.93 18.71 11.68
CA ALA A 302 20.32 18.95 11.28
C ALA A 302 20.46 20.22 10.42
N LEU A 303 19.54 20.42 9.46
CA LEU A 303 19.53 21.60 8.57
C LEU A 303 19.25 22.91 9.31
N GLU A 304 18.26 22.91 10.23
CA GLU A 304 17.87 24.05 11.04
C GLU A 304 19.05 24.63 11.85
N LYS A 305 19.97 23.76 12.31
CA LYS A 305 21.15 24.20 13.05
C LYS A 305 22.10 25.01 12.15
N ILE A 306 22.05 24.77 10.82
CA ILE A 306 22.87 25.53 9.87
C ILE A 306 22.18 26.81 9.42
N ASP A 307 20.97 26.68 8.84
CA ASP A 307 20.29 27.83 8.24
C ASP A 307 19.29 28.59 9.08
N HIS A 308 18.95 28.06 10.29
CA HIS A 308 18.00 28.71 11.22
C HIS A 308 16.56 28.89 10.69
N ASN A 309 16.19 28.16 9.63
CA ASN A 309 14.82 28.21 9.13
C ASN A 309 14.00 27.22 9.99
N PRO A 310 13.05 27.72 10.83
CA PRO A 310 12.31 26.79 11.72
C PRO A 310 11.04 26.18 11.11
N THR A 311 10.66 26.57 9.89
CA THR A 311 9.41 26.11 9.24
C THR A 311 9.14 24.61 9.36
N TYR A 312 10.07 23.78 8.89
CA TYR A 312 9.90 22.32 8.85
C TYR A 312 9.88 21.62 10.21
N VAL A 313 10.81 21.97 11.12
CA VAL A 313 10.85 21.35 12.46
C VAL A 313 9.60 21.72 13.28
N ARG A 314 9.18 23.00 13.22
CA ARG A 314 8.03 23.43 14.02
C ARG A 314 6.77 22.70 13.61
N ALA A 315 6.50 22.67 12.28
CA ALA A 315 5.30 22.07 11.70
C ALA A 315 5.19 20.57 12.00
N MSE A 316 6.32 19.82 11.95
CA MSE A 316 6.25 18.39 12.28
C MSE A 316 6.05 18.18 13.79
O MSE A 316 5.22 17.37 14.17
CB MSE A 316 7.46 17.59 11.76
CG MSE A 316 7.26 16.07 12.01
SE MSE A 316 8.79 14.95 11.60
CE MSE A 316 8.61 14.98 9.71
N ALA A 317 6.81 18.92 14.64
CA ALA A 317 6.65 18.82 16.10
C ALA A 317 5.20 19.12 16.48
N GLU A 318 4.56 20.12 15.82
CA GLU A 318 3.15 20.44 16.11
C GLU A 318 2.24 19.27 15.73
N ASN A 319 2.51 18.60 14.58
CA ASN A 319 1.77 17.43 14.11
C ASN A 319 1.82 16.30 15.15
N ALA A 320 3.02 15.97 15.66
CA ALA A 320 3.22 14.91 16.65
C ALA A 320 2.54 15.20 17.98
N LEU A 321 2.67 16.44 18.49
CA LEU A 321 2.03 16.84 19.75
C LEU A 321 0.51 16.81 19.64
N HIS A 322 -0.03 17.20 18.48
CA HIS A 322 -1.47 17.17 18.22
C HIS A 322 -1.98 15.73 18.27
N ALA A 323 -1.25 14.79 17.62
CA ALA A 323 -1.59 13.36 17.63
C ALA A 323 -1.55 12.82 19.06
N TRP A 324 -0.49 13.18 19.80
CA TRP A 324 -0.31 12.81 21.21
C TRP A 324 -1.50 13.23 22.06
N ARG A 325 -1.93 14.49 21.92
CA ARG A 325 -3.07 14.99 22.70
C ARG A 325 -4.42 14.38 22.28
N ASN A 326 -4.56 13.89 21.03
CA ASN A 326 -5.87 13.46 20.55
C ASN A 326 -6.13 12.03 20.15
N TYR A 327 -5.12 11.34 19.59
CA TYR A 327 -5.35 10.02 18.99
C TYR A 327 -4.81 8.80 19.71
N ARG A 328 -4.48 8.92 20.99
CA ARG A 328 -3.96 7.78 21.77
C ARG A 328 -5.11 6.86 22.09
N ASP A 329 -4.84 5.55 22.18
CA ASP A 329 -5.89 4.60 22.50
C ASP A 329 -6.04 4.44 24.02
N ALA A 330 -6.85 3.45 24.48
CA ALA A 330 -7.06 3.17 25.90
C ALA A 330 -5.77 2.84 26.65
N ASN A 331 -4.77 2.31 25.93
CA ASN A 331 -3.46 1.91 26.48
C ASN A 331 -2.42 3.02 26.39
N GLY A 332 -2.86 4.22 25.97
CA GLY A 332 -1.98 5.37 25.79
C GLY A 332 -1.03 5.24 24.60
N LEU A 333 -1.36 4.35 23.66
CA LEU A 333 -0.52 4.08 22.47
C LEU A 333 -1.07 4.69 21.20
N LEU A 334 -0.16 5.05 20.27
CA LEU A 334 -0.51 5.65 18.98
C LEU A 334 -0.26 4.71 17.81
N GLY A 335 -1.03 4.90 16.73
CA GLY A 335 -0.87 4.22 15.45
C GLY A 335 0.13 4.98 14.58
N ARG A 336 0.33 4.53 13.31
CA ARG A 336 1.29 5.12 12.36
CA ARG A 336 1.28 5.12 12.35
C ARG A 336 0.88 6.46 11.73
N ASP A 337 -0.42 6.75 11.71
CA ASP A 337 -0.97 7.95 11.08
C ASP A 337 -1.24 9.07 12.08
N TRP A 338 -0.40 10.13 12.01
CA TRP A 338 -0.53 11.31 12.88
C TRP A 338 -1.72 12.23 12.58
N SER A 339 -2.44 11.94 11.48
CA SER A 339 -3.66 12.67 11.12
C SER A 339 -4.88 12.02 11.84
N GLY A 340 -4.65 10.87 12.47
CA GLY A 340 -5.62 10.11 13.28
C GLY A 340 -6.75 9.43 12.57
N HIS A 341 -6.60 9.24 11.25
CA HIS A 341 -7.62 8.66 10.38
C HIS A 341 -7.71 7.14 10.33
N ASN A 342 -6.65 6.40 10.74
CA ASN A 342 -6.67 4.94 10.64
C ASN A 342 -6.59 4.21 11.98
N GLU A 343 -7.70 3.57 12.37
CA GLU A 343 -7.82 2.82 13.62
C GLU A 343 -7.06 1.51 13.53
N GLU A 344 -6.12 1.30 14.44
CA GLU A 344 -5.29 0.09 14.51
C GLU A 344 -5.50 -0.54 15.90
N PRO A 345 -6.30 -1.62 16.04
CA PRO A 345 -6.50 -2.23 17.37
C PRO A 345 -5.22 -2.81 17.99
N TYR A 346 -4.29 -3.30 17.15
CA TYR A 346 -3.03 -3.89 17.64
C TYR A 346 -1.94 -2.89 17.31
N LYS A 347 -1.48 -2.14 18.33
CA LYS A 347 -0.50 -1.07 18.13
C LYS A 347 0.92 -1.57 17.94
N TRP A 348 1.50 -1.28 16.76
CA TRP A 348 2.87 -1.69 16.42
C TRP A 348 3.85 -1.08 17.40
N LEU A 349 4.83 -1.88 17.85
CA LEU A 349 5.91 -1.47 18.74
C LEU A 349 6.62 -0.21 18.21
N LEU A 350 7.00 -0.20 16.91
CA LEU A 350 7.74 0.92 16.33
C LEU A 350 6.98 2.24 16.31
N ASP A 351 5.64 2.21 16.11
CA ASP A 351 4.80 3.42 16.11
C ASP A 351 4.84 4.15 17.43
N ASN A 352 5.27 3.44 18.49
CA ASN A 352 5.39 4.00 19.84
C ASN A 352 6.85 4.19 20.27
N ALA A 353 7.73 3.23 19.95
CA ALA A 353 9.17 3.33 20.25
C ALA A 353 9.79 4.56 19.56
N CYS A 354 9.36 4.87 18.31
CA CYS A 354 9.88 6.04 17.57
C CYS A 354 9.55 7.38 18.23
N LEU A 355 8.45 7.44 19.02
N LEU A 355 8.45 7.43 19.01
CA LEU A 355 8.02 8.65 19.72
CA LEU A 355 8.01 8.65 19.71
C LEU A 355 8.93 9.01 20.89
C LEU A 355 8.94 9.02 20.87
N ILE A 356 9.67 8.03 21.43
CA ILE A 356 10.64 8.23 22.52
C ILE A 356 11.77 9.11 21.94
N GLU A 357 12.32 8.77 20.75
CA GLU A 357 13.33 9.60 20.09
C GLU A 357 12.75 10.99 19.77
N LEU A 358 11.58 11.05 19.10
CA LEU A 358 10.98 12.30 18.68
C LEU A 358 10.72 13.31 19.81
N PHE A 359 10.06 12.89 20.90
CA PHE A 359 9.76 13.83 22.01
C PHE A 359 11.01 14.19 22.81
N ALA A 360 12.08 13.36 22.68
CA ALA A 360 13.37 13.67 23.28
C ALA A 360 14.11 14.72 22.44
N GLU A 361 13.84 14.77 21.12
CA GLU A 361 14.56 15.62 20.16
C GLU A 361 13.94 16.99 19.94
N ILE A 362 12.65 17.16 20.26
CA ILE A 362 11.99 18.46 20.13
C ILE A 362 12.62 19.44 21.11
N GLU A 363 13.14 20.58 20.58
CA GLU A 363 13.79 21.62 21.37
C GLU A 363 12.95 22.89 21.48
N LYS A 364 12.04 23.10 20.49
CA LYS A 364 11.13 24.23 20.32
C LYS A 364 11.81 25.60 20.39
N GLY B 1 -7.71 -7.22 9.76
CA GLY B 1 -6.93 -6.01 9.52
C GLY B 1 -6.80 -5.70 8.04
N HIS B 2 -6.08 -4.64 7.70
CA HIS B 2 -5.88 -4.24 6.30
C HIS B 2 -4.40 -3.96 6.08
N PRO B 3 -3.63 -5.05 5.91
CA PRO B 3 -2.17 -4.90 5.83
C PRO B 3 -1.59 -4.18 4.62
N PHE B 4 -2.31 -4.14 3.49
CA PHE B 4 -1.82 -3.59 2.23
C PHE B 4 -2.45 -2.27 1.75
N VAL B 5 -3.12 -1.55 2.69
CA VAL B 5 -3.73 -0.25 2.41
C VAL B 5 -2.73 0.78 1.93
N SER B 6 -1.48 0.75 2.44
CA SER B 6 -0.43 1.69 2.04
CA SER B 6 -0.42 1.69 2.04
C SER B 6 -0.08 1.53 0.55
N ILE B 7 -0.10 0.28 0.03
CA ILE B 7 0.15 0.00 -1.39
C ILE B 7 -1.00 0.59 -2.22
N ALA B 8 -2.26 0.29 -1.84
CA ALA B 8 -3.44 0.80 -2.51
C ALA B 8 -3.46 2.34 -2.51
N ASP B 9 -3.02 2.98 -1.39
CA ASP B 9 -2.94 4.44 -1.28
C ASP B 9 -1.92 5.00 -2.28
N SER B 10 -0.75 4.35 -2.37
CA SER B 10 0.34 4.72 -3.28
C SER B 10 -0.12 4.65 -4.76
N ILE B 11 -0.83 3.58 -5.16
CA ILE B 11 -1.31 3.40 -6.55
C ILE B 11 -2.27 4.52 -6.90
N LEU B 12 -3.23 4.82 -6.01
CA LEU B 12 -4.23 5.87 -6.20
C LEU B 12 -3.59 7.21 -6.50
N ASP B 13 -2.61 7.63 -5.67
CA ASP B 13 -1.92 8.91 -5.83
C ASP B 13 -1.04 8.93 -7.08
N ASN B 14 -0.40 7.80 -7.43
CA ASN B 14 0.45 7.70 -8.64
C ASN B 14 -0.40 7.76 -9.92
N VAL B 15 -1.51 7.00 -9.97
CA VAL B 15 -2.44 6.96 -11.10
C VAL B 15 -3.06 8.36 -11.31
N LEU B 16 -3.54 9.01 -10.23
CA LEU B 16 -4.10 10.36 -10.31
C LEU B 16 -3.09 11.32 -10.89
N ASN B 17 -1.83 11.24 -10.44
CA ASN B 17 -0.79 12.13 -10.92
C ASN B 17 -0.43 11.92 -12.38
N LEU B 18 -0.19 10.69 -12.78
CA LEU B 18 0.25 10.36 -14.15
C LEU B 18 -0.82 10.41 -15.22
N TYR B 19 -2.01 9.94 -14.90
CA TYR B 19 -3.09 9.82 -15.86
C TYR B 19 -4.00 11.05 -16.01
N GLN B 20 -3.96 12.01 -15.05
CA GLN B 20 -4.87 13.18 -15.08
C GLN B 20 -4.78 14.04 -16.34
N THR B 21 -5.94 14.53 -16.78
CA THR B 21 -6.07 15.46 -17.90
C THR B 21 -6.51 16.79 -17.30
N GLU B 22 -6.26 17.89 -18.01
CA GLU B 22 -6.60 19.25 -17.59
C GLU B 22 -8.10 19.48 -17.36
N ASP B 23 -8.96 18.74 -18.09
CA ASP B 23 -10.42 18.81 -17.97
C ASP B 23 -11.02 17.88 -16.88
N GLY B 24 -10.15 17.31 -16.03
CA GLY B 24 -10.55 16.50 -14.89
C GLY B 24 -10.89 15.05 -15.14
N LEU B 25 -10.30 14.46 -16.20
CA LEU B 25 -10.50 13.05 -16.54
C LEU B 25 -9.16 12.31 -16.46
N LEU B 26 -9.09 11.08 -16.99
CA LEU B 26 -7.88 10.24 -16.98
C LEU B 26 -7.60 9.66 -18.36
N THR B 27 -6.32 9.59 -18.78
CA THR B 27 -5.99 8.99 -20.09
C THR B 27 -6.21 7.47 -20.06
N GLU B 28 -6.41 6.86 -21.24
CA GLU B 28 -6.65 5.43 -21.40
C GLU B 28 -5.43 4.62 -20.92
N THR B 29 -4.23 5.13 -21.19
CA THR B 29 -2.99 4.46 -20.79
C THR B 29 -1.96 5.48 -20.32
N TYR B 30 -0.88 4.95 -19.76
CA TYR B 30 0.30 5.70 -19.38
C TYR B 30 1.60 4.98 -19.77
N PRO B 31 2.48 5.60 -20.59
CA PRO B 31 2.28 6.89 -21.29
C PRO B 31 1.18 6.77 -22.36
N VAL B 32 0.75 7.89 -22.94
CA VAL B 32 -0.32 7.87 -23.96
C VAL B 32 0.23 7.23 -25.26
N ASN B 33 -0.57 6.34 -25.88
CA ASN B 33 -0.23 5.72 -27.15
C ASN B 33 -0.84 6.57 -28.25
N PRO B 34 -0.04 7.22 -29.13
CA PRO B 34 -0.64 8.04 -30.19
C PRO B 34 -1.48 7.24 -31.19
N ASP B 35 -1.17 5.94 -31.35
CA ASP B 35 -1.87 4.99 -32.24
C ASP B 35 -2.77 4.04 -31.43
N GLN B 36 -3.39 4.53 -30.34
CA GLN B 36 -4.26 3.75 -29.43
C GLN B 36 -5.38 3.07 -30.16
N LYS B 37 -5.51 1.77 -29.91
CA LYS B 37 -6.57 0.94 -30.43
C LYS B 37 -7.45 0.52 -29.25
N ILE B 38 -8.77 0.52 -29.45
CA ILE B 38 -9.74 0.10 -28.42
C ILE B 38 -10.40 -1.17 -28.95
N THR B 39 -10.15 -2.30 -28.30
CA THR B 39 -10.63 -3.62 -28.73
C THR B 39 -11.87 -4.16 -27.99
N TYR B 40 -12.36 -3.44 -26.97
CA TYR B 40 -13.46 -3.95 -26.14
C TYR B 40 -14.87 -3.42 -26.37
N LEU B 41 -15.11 -2.73 -27.47
CA LEU B 41 -16.42 -2.15 -27.75
C LEU B 41 -17.21 -3.03 -28.70
N ALA B 42 -18.55 -2.89 -28.69
CA ALA B 42 -19.44 -3.62 -29.59
C ALA B 42 -19.03 -3.31 -31.03
N GLY B 43 -18.92 -4.35 -31.85
CA GLY B 43 -18.53 -4.23 -33.26
C GLY B 43 -17.05 -3.97 -33.43
N GLY B 49 -11.16 10.17 -34.68
CA GLY B 49 -10.09 11.10 -34.34
C GLY B 49 -9.29 10.66 -33.13
N THR B 50 -8.53 11.60 -32.54
CA THR B 50 -7.68 11.31 -31.37
C THR B 50 -8.50 11.19 -30.09
N LEU B 51 -8.12 10.23 -29.24
CA LEU B 51 -8.75 10.05 -27.92
C LEU B 51 -8.24 11.12 -26.96
N LYS B 52 -9.13 11.68 -26.13
CA LYS B 52 -8.73 12.73 -25.18
C LYS B 52 -9.07 12.37 -23.73
N ALA B 53 -9.61 11.15 -23.54
CA ALA B 53 -10.01 10.61 -22.25
C ALA B 53 -10.06 9.11 -22.35
N SER B 54 -10.27 8.44 -21.23
CA SER B 54 -10.41 6.99 -21.22
C SER B 54 -11.89 6.68 -21.43
N PHE B 55 -12.19 5.42 -21.72
CA PHE B 55 -13.57 4.96 -21.82
C PHE B 55 -14.11 4.78 -20.38
N LEU B 56 -15.42 4.58 -20.22
CA LEU B 56 -16.04 4.44 -18.90
C LEU B 56 -15.54 3.23 -18.11
N TRP B 57 -15.40 2.08 -18.75
CA TRP B 57 -14.94 0.85 -18.07
C TRP B 57 -13.63 1.08 -17.26
N PRO B 58 -12.50 1.55 -17.87
CA PRO B 58 -11.29 1.77 -17.06
C PRO B 58 -11.46 2.89 -16.03
N TYR B 59 -12.17 4.00 -16.38
CA TYR B 59 -12.40 5.08 -15.41
C TYR B 59 -13.15 4.59 -14.14
N SER B 60 -14.18 3.72 -14.32
CA SER B 60 -14.98 3.19 -13.20
C SER B 60 -14.22 2.38 -12.14
N GLY B 61 -13.04 1.86 -12.51
CA GLY B 61 -12.14 1.16 -11.59
C GLY B 61 -11.62 2.10 -10.52
N MSE B 62 -11.53 3.41 -10.82
CA MSE B 62 -11.09 4.43 -9.87
C MSE B 62 -12.12 4.62 -8.77
O MSE B 62 -11.77 4.89 -7.63
CB MSE B 62 -10.81 5.77 -10.58
CG MSE B 62 -9.64 5.66 -11.54
SE MSE B 62 -7.98 5.27 -10.59
CE MSE B 62 -7.62 7.03 -9.96
N MSE B 63 -13.42 4.52 -9.13
CA MSE B 63 -14.49 4.61 -8.17
C MSE B 63 -14.50 3.39 -7.22
O MSE B 63 -14.63 3.56 -6.03
CB MSE B 63 -15.83 4.81 -8.87
CG MSE B 63 -17.01 4.96 -7.89
SE MSE B 63 -18.72 5.07 -8.83
CE MSE B 63 -19.76 5.46 -7.33
N SER B 64 -14.34 2.15 -7.76
CA SER B 64 -14.30 0.91 -6.96
C SER B 64 -13.14 0.97 -5.97
N GLY B 65 -11.98 1.41 -6.46
CA GLY B 65 -10.79 1.58 -5.63
C GLY B 65 -10.96 2.60 -4.53
N CYS B 66 -11.49 3.80 -4.85
CA CYS B 66 -11.72 4.84 -3.85
C CYS B 66 -12.74 4.40 -2.81
N VAL B 67 -13.81 3.71 -3.25
CA VAL B 67 -14.84 3.26 -2.28
C VAL B 67 -14.23 2.21 -1.36
N ALA B 68 -13.48 1.23 -1.92
CA ALA B 68 -12.83 0.16 -1.16
C ALA B 68 -11.87 0.74 -0.10
N MSE B 69 -11.13 1.80 -0.46
N MSE B 69 -11.13 1.81 -0.47
CA MSE B 69 -10.21 2.48 0.43
CA MSE B 69 -10.19 2.54 0.40
C MSE B 69 -10.90 3.21 1.58
C MSE B 69 -10.90 3.20 1.57
O MSE B 69 -10.41 3.16 2.71
O MSE B 69 -10.42 3.12 2.71
CB MSE B 69 -9.24 3.38 -0.35
CB MSE B 69 -9.40 3.58 -0.42
CG MSE B 69 -8.09 2.55 -0.94
CG MSE B 69 -8.39 2.93 -1.37
SE MSE B 69 -7.08 1.69 0.49
SE MSE B 69 -6.52 3.36 -1.05
CE MSE B 69 -5.98 3.08 1.01
CE MSE B 69 -6.33 2.55 0.71
N TYR B 70 -12.07 3.82 1.32
CA TYR B 70 -12.88 4.48 2.37
C TYR B 70 -13.41 3.39 3.33
N GLN B 71 -13.86 2.26 2.78
CA GLN B 71 -14.36 1.13 3.58
C GLN B 71 -13.25 0.59 4.50
N ALA B 72 -12.06 0.42 3.94
CA ALA B 72 -10.94 -0.14 4.70
C ALA B 72 -10.39 0.72 5.81
N THR B 73 -10.37 2.04 5.60
CA THR B 73 -9.73 2.98 6.50
C THR B 73 -10.66 3.94 7.24
N GLY B 74 -11.75 4.35 6.62
CA GLY B 74 -12.63 5.39 7.17
C GLY B 74 -12.01 6.78 7.06
N ASP B 75 -10.94 6.90 6.25
CA ASP B 75 -10.17 8.13 6.08
C ASP B 75 -10.88 9.09 5.13
N LYS B 76 -11.19 10.31 5.63
CA LYS B 76 -11.84 11.37 4.82
C LYS B 76 -11.06 11.76 3.55
N LYS B 77 -9.74 11.45 3.48
CA LYS B 77 -8.92 11.67 2.27
C LYS B 77 -9.64 11.10 1.00
N TYR B 78 -10.22 9.86 1.12
CA TYR B 78 -10.89 9.15 0.05
C TYR B 78 -12.28 9.67 -0.27
N LYS B 79 -12.97 10.18 0.76
CA LYS B 79 -14.28 10.81 0.62
C LYS B 79 -14.08 12.11 -0.18
N THR B 80 -12.99 12.82 0.09
CA THR B 80 -12.64 14.06 -0.64
C THR B 80 -12.30 13.76 -2.10
N ILE B 81 -11.52 12.69 -2.37
CA ILE B 81 -11.15 12.33 -3.77
C ILE B 81 -12.41 11.98 -4.58
N LEU B 82 -13.34 11.20 -4.00
CA LEU B 82 -14.62 10.89 -4.65
C LEU B 82 -15.48 12.13 -4.87
N GLU B 83 -15.70 12.97 -3.82
CA GLU B 83 -16.52 14.21 -3.93
C GLU B 83 -16.01 15.26 -4.87
N LYS B 84 -14.69 15.52 -4.85
CA LYS B 84 -14.10 16.58 -5.68
C LYS B 84 -13.53 16.17 -7.04
N ARG B 85 -13.08 14.90 -7.18
CA ARG B 85 -12.43 14.47 -8.43
C ARG B 85 -13.13 13.39 -9.22
N ILE B 86 -13.29 12.18 -8.62
CA ILE B 86 -13.83 11.00 -9.28
C ILE B 86 -15.31 11.10 -9.61
N LEU B 87 -16.17 11.47 -8.63
CA LEU B 87 -17.61 11.62 -8.93
C LEU B 87 -17.91 12.79 -9.91
N PRO B 88 -17.25 13.97 -9.83
CA PRO B 88 -17.47 14.98 -10.90
C PRO B 88 -16.99 14.51 -12.29
N GLY B 89 -15.93 13.70 -12.33
CA GLY B 89 -15.39 13.13 -13.56
C GLY B 89 -16.34 12.10 -14.17
N LEU B 90 -16.92 11.24 -13.31
CA LEU B 90 -17.92 10.25 -13.71
C LEU B 90 -19.14 10.97 -14.34
N GLU B 91 -19.57 12.13 -13.78
CA GLU B 91 -20.69 12.91 -14.33
C GLU B 91 -20.50 13.44 -15.79
N GLN B 92 -19.24 13.49 -16.29
CA GLN B 92 -18.92 13.90 -17.66
C GLN B 92 -19.39 12.81 -18.68
N TYR B 93 -19.71 11.59 -18.17
CA TYR B 93 -20.20 10.46 -18.96
C TYR B 93 -21.72 10.34 -18.88
N TRP B 94 -22.39 11.10 -17.98
CA TRP B 94 -23.85 11.01 -17.76
C TRP B 94 -24.66 11.46 -18.97
N ASP B 95 -25.46 10.54 -19.52
CA ASP B 95 -26.32 10.81 -20.68
C ASP B 95 -27.79 10.80 -20.23
N GLY B 96 -28.34 11.99 -20.02
CA GLY B 96 -29.74 12.20 -19.63
C GLY B 96 -30.65 12.46 -20.81
N GLU B 97 -30.08 12.52 -22.02
CA GLU B 97 -30.76 12.77 -23.29
C GLU B 97 -31.48 11.51 -23.79
N ARG B 98 -30.78 10.35 -23.83
CA ARG B 98 -31.34 9.06 -24.23
C ARG B 98 -31.87 8.40 -22.97
N LEU B 99 -33.05 7.79 -23.04
CA LEU B 99 -33.70 7.21 -21.87
C LEU B 99 -33.83 5.69 -21.78
N PRO B 100 -33.78 5.08 -20.56
CA PRO B 100 -33.55 5.72 -19.24
C PRO B 100 -32.13 6.31 -19.16
N ALA B 101 -31.98 7.40 -18.40
CA ALA B 101 -30.68 8.08 -18.22
C ALA B 101 -29.65 7.15 -17.57
N CYS B 102 -28.38 7.26 -18.01
CA CYS B 102 -27.30 6.39 -17.54
C CYS B 102 -25.94 6.97 -17.94
N TYR B 103 -24.85 6.27 -17.58
CA TYR B 103 -23.51 6.66 -17.99
C TYR B 103 -23.16 5.95 -19.29
N GLN B 104 -22.82 6.73 -20.32
CA GLN B 104 -22.40 6.21 -21.62
C GLN B 104 -20.89 5.92 -21.59
N SER B 105 -20.39 5.14 -22.57
CA SER B 105 -19.00 4.66 -22.62
C SER B 105 -17.88 5.67 -22.82
N TYR B 106 -18.19 6.89 -23.30
CA TYR B 106 -17.18 7.93 -23.55
C TYR B 106 -17.78 9.31 -23.14
N PRO B 107 -16.99 10.35 -22.76
CA PRO B 107 -17.63 11.63 -22.31
C PRO B 107 -18.59 12.25 -23.32
N VAL B 108 -19.75 12.73 -22.80
CA VAL B 108 -20.85 13.35 -23.56
C VAL B 108 -20.43 14.58 -24.40
N LYS B 109 -19.35 15.30 -24.00
CA LYS B 109 -18.87 16.47 -24.77
C LYS B 109 -18.29 16.05 -26.12
N TYR B 110 -18.07 14.72 -26.31
CA TYR B 110 -17.57 14.20 -27.56
C TYR B 110 -18.69 13.57 -28.40
N GLY B 111 -19.93 13.86 -28.04
CA GLY B 111 -21.11 13.33 -28.71
C GLY B 111 -21.68 12.07 -28.10
N GLN B 112 -22.62 11.45 -28.78
CA GLN B 112 -23.25 10.21 -28.32
C GLN B 112 -22.32 9.03 -28.56
N HIS B 113 -22.13 8.20 -27.53
CA HIS B 113 -21.31 7.01 -27.65
C HIS B 113 -22.09 5.85 -27.04
N GLY B 114 -21.71 4.61 -27.38
CA GLY B 114 -22.36 3.39 -26.91
C GLY B 114 -22.65 3.35 -25.43
N ARG B 115 -23.84 2.90 -25.05
CA ARG B 115 -24.25 2.76 -23.67
C ARG B 115 -24.31 1.26 -23.37
N TYR B 116 -23.69 0.86 -22.24
CA TYR B 116 -23.59 -0.55 -21.88
C TYR B 116 -24.30 -0.80 -20.54
N TYR B 117 -25.13 -1.86 -20.51
CA TYR B 117 -25.85 -2.24 -19.29
C TYR B 117 -24.89 -2.63 -18.19
N ASP B 118 -23.82 -3.39 -18.54
CA ASP B 118 -22.84 -3.84 -17.56
C ASP B 118 -21.99 -2.73 -16.96
N ASP B 119 -21.58 -1.72 -17.76
CA ASP B 119 -20.84 -0.54 -17.26
C ASP B 119 -21.60 0.09 -16.08
N ASN B 120 -22.92 0.23 -16.26
CA ASN B 120 -23.80 0.82 -15.25
C ASN B 120 -24.01 -0.06 -14.01
N ILE B 121 -23.84 -1.40 -14.16
CA ILE B 121 -23.94 -2.33 -13.01
C ILE B 121 -22.79 -2.06 -12.03
N TRP B 122 -21.52 -2.00 -12.51
CA TRP B 122 -20.33 -1.78 -11.68
C TRP B 122 -20.42 -0.46 -10.91
N ILE B 123 -20.89 0.60 -11.58
CA ILE B 123 -21.07 1.92 -10.98
C ILE B 123 -22.21 1.87 -9.90
N ALA B 124 -23.37 1.27 -10.23
CA ALA B 124 -24.49 1.13 -9.27
C ALA B 124 -24.05 0.36 -8.00
N LEU B 125 -23.22 -0.71 -8.18
CA LEU B 125 -22.68 -1.49 -7.05
C LEU B 125 -21.82 -0.62 -6.11
N ASP B 126 -20.96 0.25 -6.70
CA ASP B 126 -20.10 1.15 -5.92
C ASP B 126 -20.92 2.22 -5.24
N TYR B 127 -22.02 2.67 -5.87
CA TYR B 127 -22.93 3.66 -5.25
C TYR B 127 -23.62 3.04 -4.03
N CYS B 128 -23.98 1.73 -4.10
CA CYS B 128 -24.57 0.99 -2.96
C CYS B 128 -23.61 0.90 -1.79
N ASP B 129 -22.35 0.50 -2.07
CA ASP B 129 -21.32 0.38 -1.05
C ASP B 129 -21.00 1.71 -0.43
N TYR B 130 -20.88 2.76 -1.27
CA TYR B 130 -20.58 4.11 -0.83
C TYR B 130 -21.73 4.74 -0.02
N TYR B 131 -23.01 4.43 -0.36
CA TYR B 131 -24.14 4.88 0.44
C TYR B 131 -24.13 4.22 1.82
N ARG B 132 -23.85 2.89 1.88
CA ARG B 132 -23.77 2.19 3.15
C ARG B 132 -22.72 2.88 4.06
N LEU B 133 -21.61 3.34 3.46
CA LEU B 133 -20.51 3.98 4.20
C LEU B 133 -20.75 5.46 4.55
N THR B 134 -21.49 6.20 3.71
CA THR B 134 -21.68 7.64 3.95
C THR B 134 -23.07 8.06 4.35
N LYS B 135 -24.09 7.28 3.96
CA LYS B 135 -25.50 7.56 4.23
C LYS B 135 -25.97 8.89 3.64
N LYS B 136 -25.39 9.28 2.48
CA LYS B 136 -25.73 10.49 1.71
C LYS B 136 -26.78 10.11 0.67
N ALA B 137 -28.00 10.64 0.84
CA ALA B 137 -29.19 10.42 0.01
C ALA B 137 -28.93 10.26 -1.50
N ASP B 138 -28.15 11.17 -2.10
CA ASP B 138 -27.83 11.19 -3.54
C ASP B 138 -27.32 9.86 -4.10
N TYR B 139 -26.50 9.16 -3.33
CA TYR B 139 -25.91 7.87 -3.76
C TYR B 139 -26.91 6.76 -3.86
N LEU B 140 -27.81 6.66 -2.88
CA LEU B 140 -28.88 5.66 -2.92
C LEU B 140 -29.80 5.96 -4.12
N LYS B 141 -30.19 7.25 -4.33
CA LYS B 141 -31.04 7.63 -5.47
C LYS B 141 -30.37 7.29 -6.86
N LYS B 142 -29.05 7.49 -6.96
CA LYS B 142 -28.28 7.17 -8.17
C LYS B 142 -28.33 5.64 -8.42
N ALA B 143 -28.06 4.85 -7.38
CA ALA B 143 -28.10 3.37 -7.43
C ALA B 143 -29.48 2.84 -7.88
N ILE B 144 -30.58 3.46 -7.39
CA ILE B 144 -31.95 3.07 -7.76
C ILE B 144 -32.21 3.39 -9.24
N ALA B 145 -31.83 4.62 -9.70
CA ALA B 145 -31.98 5.09 -11.08
C ALA B 145 -31.18 4.19 -12.05
N LEU B 146 -29.96 3.83 -11.66
CA LEU B 146 -29.14 2.96 -12.49
C LEU B 146 -29.72 1.55 -12.64
N TYR B 147 -30.33 1.02 -11.56
CA TYR B 147 -30.95 -0.30 -11.53
C TYR B 147 -32.12 -0.35 -12.50
N GLU B 148 -32.88 0.78 -12.63
CA GLU B 148 -34.01 0.90 -13.56
C GLU B 148 -33.53 0.83 -15.02
N TYR B 149 -32.39 1.47 -15.33
CA TYR B 149 -31.77 1.42 -16.65
C TYR B 149 -31.27 -0.01 -16.92
N ILE B 150 -30.59 -0.62 -15.95
CA ILE B 150 -30.05 -1.98 -16.08
C ILE B 150 -31.15 -2.95 -16.44
N TYR B 151 -32.28 -2.90 -15.71
CA TYR B 151 -33.40 -3.78 -15.95
C TYR B 151 -34.26 -3.44 -17.17
N SER B 152 -33.99 -2.27 -17.83
CA SER B 152 -34.63 -1.94 -19.11
C SER B 152 -33.90 -2.79 -20.21
N GLY B 153 -32.79 -3.42 -19.80
CA GLY B 153 -32.00 -4.34 -20.64
C GLY B 153 -32.42 -5.80 -20.53
N TRP B 154 -33.41 -6.09 -19.65
CA TRP B 154 -33.98 -7.43 -19.49
C TRP B 154 -35.07 -7.62 -20.57
N SER B 155 -35.28 -8.86 -21.01
CA SER B 155 -36.35 -9.26 -21.92
C SER B 155 -36.72 -10.70 -21.65
N ASP B 156 -37.93 -11.14 -22.09
CA ASP B 156 -38.36 -12.53 -21.90
C ASP B 156 -37.78 -13.50 -22.93
N GLU B 157 -36.95 -12.99 -23.87
CA GLU B 157 -36.24 -13.77 -24.89
C GLU B 157 -35.27 -14.68 -24.15
N LEU B 158 -35.27 -15.97 -24.52
CA LEU B 158 -34.44 -17.02 -23.91
C LEU B 158 -34.88 -17.30 -22.46
N GLY B 159 -36.09 -16.86 -22.10
CA GLY B 159 -36.67 -17.05 -20.77
C GLY B 159 -36.27 -16.01 -19.73
N GLY B 160 -35.49 -15.02 -20.16
CA GLY B 160 -35.03 -13.94 -19.30
C GLY B 160 -33.61 -13.53 -19.61
N GLY B 161 -32.99 -12.83 -18.68
CA GLY B 161 -31.62 -12.37 -18.82
C GLY B 161 -31.49 -10.97 -19.36
N ILE B 162 -30.35 -10.34 -19.09
CA ILE B 162 -30.06 -8.95 -19.50
C ILE B 162 -29.03 -8.95 -20.65
N PHE B 163 -29.22 -8.02 -21.62
CA PHE B 163 -28.32 -7.77 -22.74
C PHE B 163 -27.02 -7.10 -22.23
N TRP B 164 -26.07 -6.83 -23.14
CA TRP B 164 -24.78 -6.23 -22.82
C TRP B 164 -24.71 -4.76 -23.30
N CYS B 165 -24.89 -4.55 -24.63
CA CYS B 165 -24.82 -3.24 -25.27
C CYS B 165 -26.18 -2.83 -25.76
N GLU B 166 -26.65 -1.65 -25.32
CA GLU B 166 -27.95 -1.09 -25.65
C GLU B 166 -28.16 -0.94 -27.17
N GLN B 167 -27.07 -0.61 -27.89
CA GLN B 167 -27.04 -0.37 -29.33
C GLN B 167 -26.88 -1.64 -30.18
N GLN B 168 -26.64 -2.81 -29.56
CA GLN B 168 -26.40 -4.09 -30.25
C GLN B 168 -26.90 -5.26 -29.38
N LYS B 169 -28.24 -5.42 -29.31
CA LYS B 169 -28.89 -6.42 -28.44
C LYS B 169 -28.94 -7.79 -29.14
N GLU B 170 -27.82 -8.52 -29.11
CA GLU B 170 -27.68 -9.80 -29.81
C GLU B 170 -27.57 -11.02 -28.89
N ALA B 171 -27.21 -10.81 -27.61
CA ALA B 171 -27.01 -11.91 -26.68
C ALA B 171 -27.19 -11.46 -25.24
N LYS B 172 -27.38 -12.45 -24.34
CA LYS B 172 -27.55 -12.26 -22.90
C LYS B 172 -26.26 -12.83 -22.30
N HIS B 173 -25.56 -12.01 -21.53
CA HIS B 173 -24.22 -12.29 -21.02
C HIS B 173 -24.15 -12.50 -19.51
N THR B 174 -23.22 -13.37 -19.07
CA THR B 174 -22.98 -13.61 -17.65
C THR B 174 -22.49 -12.30 -17.01
N CYS B 175 -21.67 -11.52 -17.78
CA CYS B 175 -21.12 -10.25 -17.32
C CYS B 175 -22.18 -9.15 -17.05
N SER B 176 -23.43 -9.33 -17.53
CA SER B 176 -24.52 -8.37 -17.29
C SER B 176 -25.67 -8.94 -16.42
N ASN B 177 -25.63 -10.24 -16.08
CA ASN B 177 -26.59 -10.94 -15.22
C ASN B 177 -26.04 -11.32 -13.82
N ALA B 178 -24.76 -11.80 -13.75
CA ALA B 178 -24.18 -12.17 -12.45
C ALA B 178 -23.96 -10.95 -11.54
N PRO B 179 -23.28 -9.84 -11.96
CA PRO B 179 -23.17 -8.68 -11.03
C PRO B 179 -24.52 -7.99 -10.74
N SER B 180 -25.50 -8.14 -11.67
CA SER B 180 -26.87 -7.65 -11.51
C SER B 180 -27.56 -8.31 -10.32
N THR B 181 -27.27 -9.60 -10.07
CA THR B 181 -27.80 -10.36 -8.93
C THR B 181 -27.25 -9.77 -7.62
N VAL B 182 -25.93 -9.51 -7.57
CA VAL B 182 -25.22 -8.90 -6.43
C VAL B 182 -25.87 -7.52 -6.16
N LEU B 183 -26.14 -6.76 -7.23
CA LEU B 183 -26.77 -5.43 -7.15
C LEU B 183 -28.17 -5.49 -6.49
N GLY B 184 -28.98 -6.47 -6.90
CA GLY B 184 -30.32 -6.67 -6.33
C GLY B 184 -30.29 -6.91 -4.83
N VAL B 185 -29.36 -7.78 -4.37
CA VAL B 185 -29.19 -8.09 -2.93
C VAL B 185 -28.77 -6.83 -2.17
N LYS B 186 -27.82 -6.07 -2.73
CA LYS B 186 -27.35 -4.84 -2.08
C LYS B 186 -28.47 -3.81 -1.94
N LEU B 187 -29.30 -3.66 -2.98
CA LEU B 187 -30.44 -2.74 -2.95
C LEU B 187 -31.55 -3.22 -1.98
N TYR B 188 -31.73 -4.56 -1.85
CA TYR B 188 -32.70 -5.10 -0.88
C TYR B 188 -32.26 -4.75 0.55
N ARG B 189 -30.95 -4.85 0.83
CA ARG B 189 -30.40 -4.54 2.16
C ARG B 189 -30.56 -3.07 2.55
N LEU B 190 -30.44 -2.16 1.58
CA LEU B 190 -30.57 -0.71 1.81
C LEU B 190 -32.00 -0.20 1.89
N THR B 191 -32.91 -0.80 1.11
CA THR B 191 -34.31 -0.33 1.03
C THR B 191 -35.32 -1.25 1.74
N LYS B 192 -35.00 -2.55 1.94
CA LYS B 192 -35.92 -3.58 2.47
C LYS B 192 -37.11 -3.86 1.52
N ASP B 193 -37.02 -3.40 0.26
CA ASP B 193 -38.06 -3.64 -0.75
C ASP B 193 -37.81 -5.04 -1.33
N LYS B 194 -38.71 -5.99 -1.02
CA LYS B 194 -38.67 -7.39 -1.45
C LYS B 194 -38.57 -7.61 -2.97
N LYS B 195 -39.04 -6.63 -3.78
CA LYS B 195 -38.97 -6.68 -5.25
C LYS B 195 -37.52 -6.88 -5.75
N TYR B 196 -36.53 -6.28 -5.03
CA TYR B 196 -35.11 -6.40 -5.37
C TYR B 196 -34.60 -7.81 -5.09
N LEU B 197 -35.04 -8.45 -3.98
CA LEU B 197 -34.62 -9.80 -3.63
C LEU B 197 -35.22 -10.82 -4.58
N ASN B 198 -36.49 -10.63 -4.96
CA ASN B 198 -37.18 -11.50 -5.89
C ASN B 198 -36.56 -11.48 -7.29
N LYS B 199 -36.21 -10.29 -7.79
CA LYS B 199 -35.58 -10.16 -9.11
C LYS B 199 -34.15 -10.72 -9.11
N ALA B 200 -33.43 -10.58 -7.98
CA ALA B 200 -32.09 -11.13 -7.80
C ALA B 200 -32.13 -12.66 -7.86
N LYS B 201 -33.12 -13.28 -7.17
CA LYS B 201 -33.31 -14.73 -7.20
C LYS B 201 -33.62 -15.23 -8.60
N GLU B 202 -34.44 -14.47 -9.36
CA GLU B 202 -34.84 -14.85 -10.73
C GLU B 202 -33.66 -14.73 -11.73
N THR B 203 -32.86 -13.65 -11.60
CA THR B 203 -31.69 -13.42 -12.46
C THR B 203 -30.64 -14.52 -12.24
N TYR B 204 -30.43 -14.90 -10.95
CA TYR B 204 -29.50 -15.95 -10.57
C TYR B 204 -29.91 -17.29 -11.17
N ALA B 205 -31.22 -17.66 -11.02
CA ALA B 205 -31.77 -18.93 -11.51
C ALA B 205 -31.60 -19.05 -13.03
N TRP B 206 -31.84 -17.94 -13.77
CA TRP B 206 -31.70 -17.88 -15.23
C TRP B 206 -30.24 -18.15 -15.64
N THR B 207 -29.30 -17.42 -15.01
CA THR B 207 -27.87 -17.55 -15.31
C THR B 207 -27.36 -18.96 -15.02
N ARG B 208 -27.75 -19.55 -13.86
CA ARG B 208 -27.32 -20.91 -13.48
C ARG B 208 -27.81 -21.94 -14.51
N LYS B 209 -29.10 -21.86 -14.89
CA LYS B 209 -29.73 -22.79 -15.83
C LYS B 209 -29.08 -22.78 -17.21
N HIS B 210 -28.86 -21.60 -17.79
CA HIS B 210 -28.34 -21.43 -19.15
C HIS B 210 -26.84 -21.24 -19.33
N LEU B 211 -26.15 -20.72 -18.31
CA LEU B 211 -24.73 -20.41 -18.47
C LEU B 211 -23.70 -21.15 -17.62
N CYS B 212 -24.15 -21.99 -16.67
CA CYS B 212 -23.25 -22.78 -15.84
C CYS B 212 -22.91 -24.11 -16.56
N ASP B 213 -21.62 -24.41 -16.76
CA ASP B 213 -21.18 -25.67 -17.37
C ASP B 213 -21.41 -26.79 -16.33
N PRO B 214 -22.31 -27.78 -16.61
CA PRO B 214 -22.56 -28.87 -15.63
C PRO B 214 -21.36 -29.78 -15.34
N ASP B 215 -20.34 -29.79 -16.23
CA ASP B 215 -19.15 -30.61 -16.06
C ASP B 215 -18.15 -30.06 -15.05
N ASP B 216 -17.99 -28.72 -14.96
CA ASP B 216 -16.98 -28.17 -14.05
C ASP B 216 -17.45 -27.03 -13.15
N PHE B 217 -18.76 -26.64 -13.28
CA PHE B 217 -19.39 -25.57 -12.50
C PHE B 217 -18.85 -24.17 -12.79
N LEU B 218 -18.16 -24.03 -13.96
CA LEU B 218 -17.66 -22.74 -14.44
C LEU B 218 -18.70 -22.10 -15.36
N TYR B 219 -18.72 -20.75 -15.43
CA TYR B 219 -19.68 -20.01 -16.22
C TYR B 219 -19.19 -19.67 -17.60
N TRP B 220 -20.01 -20.05 -18.58
CA TRP B 220 -19.83 -19.73 -20.00
C TRP B 220 -20.03 -18.21 -20.17
N ASP B 221 -19.68 -17.66 -21.33
CA ASP B 221 -19.75 -16.22 -21.55
C ASP B 221 -21.11 -15.62 -21.85
N ASN B 222 -21.80 -16.13 -22.86
CA ASN B 222 -23.08 -15.57 -23.26
C ASN B 222 -23.87 -16.56 -24.08
N ILE B 223 -25.13 -16.22 -24.31
CA ILE B 223 -26.04 -17.04 -25.12
C ILE B 223 -26.74 -16.08 -26.08
N ASN B 224 -26.62 -16.31 -27.41
CA ASN B 224 -27.26 -15.43 -28.37
C ASN B 224 -28.74 -15.71 -28.50
N LEU B 225 -29.47 -14.88 -29.26
CA LEU B 225 -30.91 -15.04 -29.42
C LEU B 225 -31.33 -16.32 -30.13
N LYS B 226 -30.44 -16.86 -31.00
CA LYS B 226 -30.66 -18.14 -31.71
C LYS B 226 -30.36 -19.33 -30.78
N GLY B 227 -29.97 -19.04 -29.53
CA GLY B 227 -29.70 -20.07 -28.52
C GLY B 227 -28.30 -20.66 -28.54
N LYS B 228 -27.36 -20.06 -29.30
CA LYS B 228 -25.97 -20.48 -29.42
C LYS B 228 -25.17 -19.94 -28.22
N VAL B 229 -24.61 -20.85 -27.42
CA VAL B 229 -23.81 -20.48 -26.26
C VAL B 229 -22.35 -20.25 -26.69
N SER B 230 -21.75 -19.15 -26.20
CA SER B 230 -20.33 -18.90 -26.36
C SER B 230 -19.71 -19.42 -25.07
N LYS B 231 -18.93 -20.52 -25.18
CA LYS B 231 -18.35 -21.24 -24.05
C LYS B 231 -17.03 -20.75 -23.47
N ASP B 232 -16.60 -19.53 -23.87
CA ASP B 232 -15.38 -18.90 -23.33
C ASP B 232 -15.55 -18.66 -21.83
N LYS B 233 -14.54 -19.05 -21.03
CA LYS B 233 -14.59 -18.96 -19.58
C LYS B 233 -13.64 -17.90 -19.04
N TYR B 234 -14.21 -16.86 -18.39
CA TYR B 234 -13.49 -15.76 -17.79
C TYR B 234 -13.69 -15.75 -16.28
N ALA B 235 -12.61 -15.40 -15.55
CA ALA B 235 -12.59 -15.41 -14.09
C ALA B 235 -13.66 -14.53 -13.43
N TYR B 236 -13.96 -13.35 -14.03
CA TYR B 236 -14.96 -12.44 -13.44
C TYR B 236 -16.41 -12.94 -13.51
N ASN B 237 -16.68 -13.84 -14.48
CA ASN B 237 -18.03 -14.36 -14.69
C ASN B 237 -18.34 -15.42 -13.63
N SER B 238 -17.42 -16.36 -13.42
CA SER B 238 -17.54 -17.35 -12.37
C SER B 238 -17.46 -16.61 -11.00
N GLY B 239 -16.58 -15.60 -10.89
CA GLY B 239 -16.41 -14.81 -9.67
C GLY B 239 -17.66 -14.09 -9.17
N GLN B 240 -18.46 -13.52 -10.10
CA GLN B 240 -19.69 -12.84 -9.71
C GLN B 240 -20.80 -13.81 -9.32
N MSE B 241 -20.80 -15.02 -9.91
CA MSE B 241 -21.77 -16.06 -9.51
C MSE B 241 -21.44 -16.62 -8.13
O MSE B 241 -22.36 -16.96 -7.39
CB MSE B 241 -21.93 -17.16 -10.58
CG MSE B 241 -22.68 -16.66 -11.81
SE MSE B 241 -24.49 -16.00 -11.39
CE MSE B 241 -25.43 -17.73 -11.19
N ILE B 242 -20.15 -16.68 -7.75
CA ILE B 242 -19.73 -17.09 -6.39
C ILE B 242 -20.28 -16.04 -5.39
N GLN B 243 -20.00 -14.73 -5.66
CA GLN B 243 -20.49 -13.64 -4.79
C GLN B 243 -22.00 -13.60 -4.70
N ALA B 244 -22.71 -13.76 -5.85
CA ALA B 244 -24.16 -13.79 -5.91
C ALA B 244 -24.72 -14.92 -5.03
N GLY B 245 -24.12 -16.12 -5.17
CA GLY B 245 -24.50 -17.30 -4.39
C GLY B 245 -24.37 -17.08 -2.89
N VAL B 246 -23.21 -16.55 -2.45
CA VAL B 246 -22.98 -16.26 -1.02
C VAL B 246 -24.03 -15.25 -0.45
N LEU B 247 -24.23 -14.12 -1.15
CA LEU B 247 -25.17 -13.07 -0.74
CA LEU B 247 -25.17 -13.05 -0.77
C LEU B 247 -26.61 -13.58 -0.70
N LEU B 248 -27.00 -14.46 -1.65
CA LEU B 248 -28.35 -15.06 -1.68
C LEU B 248 -28.51 -16.07 -0.52
N TYR B 249 -27.41 -16.76 -0.16
CA TYR B 249 -27.44 -17.68 0.98
C TYR B 249 -27.63 -16.84 2.28
N GLU B 250 -26.92 -15.72 2.40
CA GLU B 250 -27.00 -14.82 3.56
C GLU B 250 -28.40 -14.22 3.77
N GLU B 251 -29.18 -14.07 2.69
CA GLU B 251 -30.52 -13.48 2.75
C GLU B 251 -31.63 -14.52 2.97
N THR B 252 -31.41 -15.78 2.51
CA THR B 252 -32.40 -16.85 2.56
C THR B 252 -32.12 -17.99 3.55
N GLY B 253 -30.85 -18.24 3.84
CA GLY B 253 -30.44 -19.38 4.65
C GLY B 253 -30.44 -20.68 3.85
N ASP B 254 -30.78 -20.61 2.54
CA ASP B 254 -30.85 -21.77 1.64
C ASP B 254 -29.45 -22.23 1.26
N LYS B 255 -29.06 -23.39 1.79
CA LYS B 255 -27.76 -24.02 1.59
C LYS B 255 -27.41 -24.30 0.11
N ASP B 256 -28.41 -24.45 -0.79
CA ASP B 256 -28.16 -24.71 -2.22
C ASP B 256 -27.33 -23.59 -2.83
N TYR B 257 -27.56 -22.33 -2.38
CA TYR B 257 -26.81 -21.16 -2.89
C TYR B 257 -25.35 -21.24 -2.44
N LEU B 258 -25.13 -21.65 -1.18
CA LEU B 258 -23.79 -21.80 -0.61
C LEU B 258 -23.02 -22.96 -1.31
N ARG B 259 -23.71 -24.09 -1.56
CA ARG B 259 -23.17 -25.27 -2.27
C ARG B 259 -22.72 -24.89 -3.72
N ASP B 260 -23.56 -24.10 -4.43
CA ASP B 260 -23.25 -23.57 -5.77
C ASP B 260 -21.95 -22.77 -5.74
N ALA B 261 -21.85 -21.83 -4.78
CA ALA B 261 -20.70 -20.94 -4.61
C ALA B 261 -19.41 -21.74 -4.36
N GLN B 262 -19.48 -22.77 -3.49
CA GLN B 262 -18.34 -23.65 -3.17
C GLN B 262 -17.88 -24.47 -4.38
N LYS B 263 -18.83 -24.98 -5.17
CA LYS B 263 -18.52 -25.78 -6.38
C LYS B 263 -17.87 -24.95 -7.48
N THR B 264 -18.42 -23.75 -7.72
CA THR B 264 -17.87 -22.82 -8.71
C THR B 264 -16.47 -22.36 -8.24
N ALA B 265 -16.32 -22.02 -6.96
CA ALA B 265 -15.05 -21.55 -6.42
C ALA B 265 -13.94 -22.58 -6.53
N ALA B 266 -14.22 -23.87 -6.18
CA ALA B 266 -13.23 -24.94 -6.31
C ALA B 266 -12.82 -25.12 -7.79
N GLY B 267 -13.80 -25.13 -8.68
CA GLY B 267 -13.56 -25.28 -10.12
C GLY B 267 -12.80 -24.09 -10.69
N THR B 268 -13.08 -22.88 -10.17
CA THR B 268 -12.45 -21.63 -10.62
C THR B 268 -10.95 -21.61 -10.26
N ASP B 269 -10.65 -21.91 -9.00
CA ASP B 269 -9.26 -21.93 -8.56
C ASP B 269 -8.43 -22.94 -9.38
N ALA B 270 -8.94 -24.16 -9.59
CA ALA B 270 -8.26 -25.21 -10.37
C ALA B 270 -8.03 -24.82 -11.84
N PHE B 271 -9.03 -24.19 -12.50
CA PHE B 271 -8.92 -23.81 -13.91
C PHE B 271 -8.10 -22.56 -14.15
N PHE B 272 -8.34 -21.48 -13.38
CA PHE B 272 -7.67 -20.19 -13.57
C PHE B 272 -6.28 -20.05 -12.94
N ARG B 273 -6.02 -20.68 -11.78
CA ARG B 273 -4.70 -20.58 -11.13
C ARG B 273 -3.82 -21.71 -11.67
N SER B 274 -3.40 -21.54 -12.95
CA SER B 274 -2.73 -22.56 -13.73
C SER B 274 -1.58 -22.04 -14.60
N LYS B 275 -1.26 -20.75 -14.55
CA LYS B 275 -0.21 -20.21 -15.41
C LYS B 275 1.15 -20.18 -14.69
N ALA B 276 2.22 -20.64 -15.37
CA ALA B 276 3.56 -20.66 -14.78
C ALA B 276 4.10 -19.24 -14.63
N ASP B 277 4.55 -18.87 -13.41
CA ASP B 277 5.13 -17.58 -13.08
C ASP B 277 6.48 -17.40 -13.81
N LYS B 278 6.81 -16.16 -14.24
CA LYS B 278 8.07 -15.90 -14.94
C LYS B 278 9.26 -16.04 -14.00
N LYS B 279 9.23 -15.36 -12.82
CA LYS B 279 10.31 -15.42 -11.85
C LYS B 279 10.50 -16.82 -11.26
N ASP B 280 9.39 -17.49 -10.83
CA ASP B 280 9.47 -18.84 -10.28
C ASP B 280 8.52 -19.75 -11.04
N PRO B 281 9.03 -20.47 -12.07
CA PRO B 281 8.15 -21.33 -12.88
C PRO B 281 7.38 -22.43 -12.16
N SER B 282 7.78 -22.80 -10.92
CA SER B 282 7.08 -23.81 -10.10
C SER B 282 5.79 -23.25 -9.45
N VAL B 283 5.59 -21.92 -9.47
CA VAL B 283 4.41 -21.26 -8.86
C VAL B 283 3.31 -21.04 -9.93
N LYS B 284 2.07 -21.45 -9.59
CA LYS B 284 0.90 -21.27 -10.44
C LYS B 284 0.29 -19.89 -10.19
N VAL B 285 -0.04 -19.19 -11.27
CA VAL B 285 -0.59 -17.81 -11.21
C VAL B 285 -1.92 -17.74 -11.93
N HIS B 286 -2.85 -16.89 -11.43
CA HIS B 286 -4.12 -16.63 -12.10
C HIS B 286 -3.84 -16.16 -13.54
N LYS B 287 -4.40 -16.90 -14.51
CA LYS B 287 -4.19 -16.66 -15.93
C LYS B 287 -4.93 -15.45 -16.52
N ASP B 288 -6.11 -15.11 -15.95
CA ASP B 288 -6.92 -14.00 -16.48
C ASP B 288 -6.41 -12.62 -16.20
N MSE B 289 -6.96 -11.66 -16.92
CA MSE B 289 -6.68 -10.24 -16.89
C MSE B 289 -6.80 -9.74 -15.45
O MSE B 289 -7.69 -10.19 -14.73
CB MSE B 289 -7.75 -9.59 -17.76
CG MSE B 289 -7.46 -8.20 -18.15
SE MSE B 289 -9.11 -7.50 -18.91
CE MSE B 289 -9.99 -7.03 -17.48
N SER B 290 -5.93 -8.79 -15.05
CA SER B 290 -5.87 -8.15 -13.73
C SER B 290 -7.26 -7.82 -13.12
N TRP B 291 -8.09 -7.03 -13.83
CA TRP B 291 -9.42 -6.63 -13.33
C TRP B 291 -10.39 -7.79 -13.15
N PHE B 292 -10.35 -8.79 -14.06
CA PHE B 292 -11.18 -10.02 -13.92
C PHE B 292 -10.82 -10.73 -12.61
N ASN B 293 -9.52 -10.76 -12.27
CA ASN B 293 -9.06 -11.36 -11.02
C ASN B 293 -9.59 -10.64 -9.77
N VAL B 294 -9.59 -9.29 -9.81
CA VAL B 294 -10.06 -8.45 -8.71
C VAL B 294 -11.57 -8.66 -8.47
N ILE B 295 -12.35 -8.80 -9.54
CA ILE B 295 -13.80 -9.09 -9.46
C ILE B 295 -13.98 -10.51 -8.89
N LEU B 296 -13.13 -11.47 -9.29
CA LEU B 296 -13.20 -12.84 -8.74
C LEU B 296 -12.89 -12.81 -7.22
N PHE B 297 -11.92 -11.97 -6.80
CA PHE B 297 -11.55 -11.82 -5.39
C PHE B 297 -12.77 -11.38 -4.53
N ARG B 298 -13.74 -10.62 -5.11
CA ARG B 298 -14.96 -10.23 -4.40
C ARG B 298 -15.77 -11.48 -4.03
N GLY B 299 -15.79 -12.45 -4.93
CA GLY B 299 -16.48 -13.72 -4.71
C GLY B 299 -15.75 -14.61 -3.73
N PHE B 300 -14.43 -14.75 -3.89
CA PHE B 300 -13.63 -15.58 -2.97
C PHE B 300 -13.69 -14.99 -1.56
N LYS B 301 -13.55 -13.65 -1.42
CA LYS B 301 -13.63 -12.97 -0.12
C LYS B 301 -14.98 -13.19 0.58
N ALA B 302 -16.08 -13.06 -0.16
CA ALA B 302 -17.43 -13.26 0.38
C ALA B 302 -17.60 -14.69 0.90
N LEU B 303 -17.12 -15.70 0.12
CA LEU B 303 -17.22 -17.12 0.51
C LEU B 303 -16.44 -17.47 1.78
N GLU B 304 -15.18 -17.02 1.88
CA GLU B 304 -14.34 -17.29 3.04
C GLU B 304 -14.99 -16.82 4.36
N LYS B 305 -15.75 -15.69 4.33
CA LYS B 305 -16.45 -15.21 5.53
C LYS B 305 -17.48 -16.24 6.01
N ILE B 306 -18.01 -17.06 5.09
CA ILE B 306 -18.98 -18.09 5.45
C ILE B 306 -18.29 -19.38 5.88
N ASP B 307 -17.48 -19.96 4.98
CA ASP B 307 -16.90 -21.28 5.23
C ASP B 307 -15.52 -21.35 5.84
N HIS B 308 -14.83 -20.20 5.99
CA HIS B 308 -13.48 -20.13 6.58
C HIS B 308 -12.39 -20.93 5.83
N ASN B 309 -12.62 -21.28 4.56
CA ASN B 309 -11.60 -21.93 3.76
C ASN B 309 -10.71 -20.80 3.16
N PRO B 310 -9.43 -20.65 3.60
CA PRO B 310 -8.60 -19.55 3.08
C PRO B 310 -7.81 -19.86 1.80
N THR B 311 -7.87 -21.10 1.28
CA THR B 311 -7.11 -21.53 0.10
C THR B 311 -7.10 -20.53 -1.07
N TYR B 312 -8.29 -20.17 -1.56
CA TYR B 312 -8.42 -19.31 -2.74
C TYR B 312 -8.03 -17.85 -2.53
N VAL B 313 -8.46 -17.24 -1.41
CA VAL B 313 -8.13 -15.85 -1.10
C VAL B 313 -6.62 -15.66 -0.90
N ARG B 314 -5.96 -16.61 -0.18
CA ARG B 314 -4.53 -16.51 0.10
C ARG B 314 -3.69 -16.60 -1.17
N ALA B 315 -3.98 -17.62 -2.01
CA ALA B 315 -3.25 -17.89 -3.26
C ALA B 315 -3.32 -16.73 -4.23
N MSE B 316 -4.49 -16.07 -4.37
CA MSE B 316 -4.58 -14.94 -5.27
C MSE B 316 -3.87 -13.72 -4.70
O MSE B 316 -3.15 -13.04 -5.44
CB MSE B 316 -6.02 -14.57 -5.68
CG MSE B 316 -6.02 -13.46 -6.74
SE MSE B 316 -7.76 -12.79 -7.16
CE MSE B 316 -8.29 -14.18 -8.28
N ALA B 317 -4.06 -13.42 -3.38
CA ALA B 317 -3.38 -12.29 -2.74
C ALA B 317 -1.86 -12.47 -2.90
N GLU B 318 -1.35 -13.71 -2.77
CA GLU B 318 0.08 -13.98 -2.94
C GLU B 318 0.52 -13.68 -4.37
N ASN B 319 -0.32 -14.07 -5.38
CA ASN B 319 -0.06 -13.81 -6.80
C ASN B 319 0.04 -12.29 -7.07
N ALA B 320 -0.94 -11.52 -6.54
CA ALA B 320 -1.00 -10.05 -6.67
C ALA B 320 0.23 -9.37 -6.05
N LEU B 321 0.57 -9.74 -4.80
CA LEU B 321 1.74 -9.20 -4.09
C LEU B 321 3.03 -9.50 -4.83
N HIS B 322 3.18 -10.75 -5.36
CA HIS B 322 4.37 -11.19 -6.11
C HIS B 322 4.56 -10.32 -7.35
N ALA B 323 3.46 -10.07 -8.11
CA ALA B 323 3.50 -9.23 -9.29
C ALA B 323 3.92 -7.79 -8.90
N TRP B 324 3.34 -7.28 -7.80
CA TRP B 324 3.66 -5.96 -7.24
C TRP B 324 5.15 -5.83 -6.94
N ARG B 325 5.73 -6.82 -6.25
CA ARG B 325 7.14 -6.77 -5.90
C ARG B 325 8.08 -6.95 -7.12
N ASN B 326 7.61 -7.57 -8.22
CA ASN B 326 8.53 -7.90 -9.32
C ASN B 326 8.32 -7.34 -10.71
N TYR B 327 7.06 -7.12 -11.12
CA TYR B 327 6.78 -6.77 -12.52
C TYR B 327 6.34 -5.34 -12.82
N ARG B 328 6.55 -4.41 -11.90
CA ARG B 328 6.19 -3.01 -12.12
C ARG B 328 7.16 -2.39 -13.11
N ASP B 329 6.71 -1.42 -13.91
CA ASP B 329 7.60 -0.78 -14.86
C ASP B 329 8.28 0.44 -14.20
N ALA B 330 9.00 1.26 -15.01
CA ALA B 330 9.70 2.46 -14.53
C ALA B 330 8.76 3.48 -13.87
N ASN B 331 7.46 3.47 -14.26
CA ASN B 331 6.44 4.37 -13.72
C ASN B 331 5.67 3.78 -12.53
N GLY B 332 6.13 2.62 -12.04
CA GLY B 332 5.51 1.90 -10.93
C GLY B 332 4.18 1.28 -11.29
N LEU B 333 3.93 1.08 -12.61
CA LEU B 333 2.67 0.55 -13.12
C LEU B 333 2.78 -0.89 -13.58
N LEU B 334 1.68 -1.65 -13.44
CA LEU B 334 1.60 -3.06 -13.84
C LEU B 334 0.74 -3.26 -15.08
N GLY B 335 1.05 -4.32 -15.82
CA GLY B 335 0.27 -4.79 -16.97
C GLY B 335 -0.81 -5.75 -16.49
N ARG B 336 -1.53 -6.36 -17.43
CA ARG B 336 -2.64 -7.29 -17.19
C ARG B 336 -2.25 -8.70 -16.70
N ASP B 337 -1.02 -9.13 -16.99
CA ASP B 337 -0.54 -10.47 -16.68
C ASP B 337 0.27 -10.53 -15.39
N TRP B 338 -0.31 -11.10 -14.32
CA TRP B 338 0.32 -11.26 -13.01
C TRP B 338 1.51 -12.24 -12.99
N SER B 339 1.68 -13.05 -14.06
CA SER B 339 2.78 -14.01 -14.21
C SER B 339 4.01 -13.30 -14.78
N GLY B 340 3.85 -12.05 -15.21
CA GLY B 340 4.89 -11.15 -15.69
C GLY B 340 5.51 -11.43 -17.03
N HIS B 341 4.85 -12.23 -17.88
CA HIS B 341 5.36 -12.62 -19.19
C HIS B 341 5.06 -11.70 -20.36
N ASN B 342 4.14 -10.76 -20.21
CA ASN B 342 3.83 -9.92 -21.38
C ASN B 342 4.10 -8.44 -21.16
N GLU B 343 5.13 -7.93 -21.85
CA GLU B 343 5.58 -6.55 -21.78
C GLU B 343 4.59 -5.65 -22.50
N GLU B 344 4.06 -4.66 -21.78
CA GLU B 344 3.11 -3.69 -22.30
C GLU B 344 3.71 -2.29 -22.09
N PRO B 345 4.28 -1.65 -23.13
CA PRO B 345 4.87 -0.28 -22.94
C PRO B 345 3.84 0.78 -22.54
N TYR B 346 2.58 0.64 -22.99
CA TYR B 346 1.54 1.61 -22.66
C TYR B 346 0.61 0.94 -21.65
N LYS B 347 0.76 1.29 -20.35
CA LYS B 347 0.00 0.65 -19.27
C LYS B 347 -1.45 1.12 -19.19
N TRP B 348 -2.38 0.18 -19.36
CA TRP B 348 -3.82 0.43 -19.27
C TRP B 348 -4.21 0.95 -17.89
N LEU B 349 -5.06 2.00 -17.85
CA LEU B 349 -5.59 2.58 -16.64
C LEU B 349 -6.20 1.52 -15.70
N LEU B 350 -7.04 0.63 -16.25
CA LEU B 350 -7.71 -0.39 -15.45
C LEU B 350 -6.79 -1.42 -14.79
N ASP B 351 -5.68 -1.80 -15.46
CA ASP B 351 -4.70 -2.76 -14.90
C ASP B 351 -4.08 -2.24 -13.62
N ASN B 352 -4.18 -0.91 -13.39
CA ASN B 352 -3.64 -0.24 -12.21
C ASN B 352 -4.73 0.22 -11.24
N ALA B 353 -5.85 0.80 -11.77
CA ALA B 353 -6.99 1.21 -10.97
C ALA B 353 -7.57 0.01 -10.17
N CYS B 354 -7.62 -1.18 -10.79
CA CYS B 354 -8.14 -2.38 -10.12
C CYS B 354 -7.32 -2.83 -8.90
N LEU B 355 -6.03 -2.47 -8.87
N LEU B 355 -6.02 -2.48 -8.88
CA LEU B 355 -5.12 -2.82 -7.78
CA LEU B 355 -5.12 -2.82 -7.78
C LEU B 355 -5.42 -2.02 -6.50
C LEU B 355 -5.42 -2.02 -6.51
N ILE B 356 -6.04 -0.83 -6.64
CA ILE B 356 -6.44 0.03 -5.51
C ILE B 356 -7.51 -0.75 -4.72
N GLU B 357 -8.54 -1.30 -5.40
CA GLU B 357 -9.55 -2.12 -4.75
C GLU B 357 -8.89 -3.37 -4.11
N LEU B 358 -8.11 -4.12 -4.91
CA LEU B 358 -7.49 -5.36 -4.43
C LEU B 358 -6.63 -5.23 -3.18
N PHE B 359 -5.70 -4.27 -3.15
CA PHE B 359 -4.83 -4.13 -1.99
C PHE B 359 -5.55 -3.52 -0.78
N ALA B 360 -6.73 -2.87 -0.99
CA ALA B 360 -7.55 -2.34 0.12
C ALA B 360 -8.38 -3.50 0.72
N GLU B 361 -8.82 -4.44 -0.12
CA GLU B 361 -9.69 -5.58 0.20
C GLU B 361 -9.04 -6.76 0.90
N ILE B 362 -7.72 -6.97 0.70
CA ILE B 362 -6.95 -8.04 1.35
C ILE B 362 -6.94 -7.81 2.85
N GLU B 363 -7.28 -8.88 3.62
CA GLU B 363 -7.35 -8.83 5.09
C GLU B 363 -6.35 -9.76 5.76
N LYS B 364 -5.96 -10.83 5.08
CA LYS B 364 -5.03 -11.82 5.62
C LYS B 364 -3.76 -11.98 4.78
C1 EDO C . 13.71 -6.19 8.42
O1 EDO C . 13.99 -4.78 8.39
C2 EDO C . 13.10 -6.61 9.76
O2 EDO C . 14.06 -6.41 10.80
C1 EDO D . 17.47 -14.25 28.10
O1 EDO D . 16.25 -14.66 27.51
C2 EDO D . 17.22 -13.78 29.57
O2 EDO D . 16.67 -12.45 29.59
C1 EDO E . 25.38 -10.86 -7.30
O1 EDO E . 24.49 -10.19 -8.17
C2 EDO E . 25.74 -9.97 -6.07
O2 EDO E . 26.61 -8.90 -6.47
C1 EDO F . 4.09 -2.75 10.24
O1 EDO F . 3.86 -3.22 8.92
C2 EDO F . 2.92 -1.87 10.70
O2 EDO F . 1.73 -2.62 10.78
C1 EDO G . 16.25 -18.47 6.14
O1 EDO G . 17.17 -19.55 6.04
C2 EDO G . 16.83 -17.19 5.48
O2 EDO G . 17.95 -16.82 6.26
C1 EDO H . 19.58 17.65 -7.37
O1 EDO H . 20.28 18.67 -8.07
C2 EDO H . 19.91 17.72 -5.86
O2 EDO H . 19.72 19.04 -5.39
C1 EDO I . 6.70 -11.39 31.75
O1 EDO I . 7.66 -10.35 31.90
C2 EDO I . 5.67 -11.01 30.64
O2 EDO I . 5.01 -12.18 30.17
N1 EPE J . 12.18 -1.95 4.41
C2 EPE J . 13.00 -0.72 4.18
C3 EPE J . 13.31 0.05 5.50
N4 EPE J . 13.70 -0.88 6.60
C5 EPE J . 12.57 -1.83 6.98
C6 EPE J . 11.60 -2.20 5.80
C7 EPE J . 14.05 0.02 7.77
C8 EPE J . 14.85 -0.73 8.86
O8 EPE J . 16.00 -1.23 8.31
C9 EPE J . 11.28 -2.20 3.23
C10 EPE J . 9.95 -3.01 3.50
S EPE J . 9.16 -3.30 2.00
O1S EPE J . 8.60 -2.11 1.50
O2S EPE J . 10.00 -4.13 1.23
O3S EPE J . 7.98 -4.21 2.41
C1 EDO K . -16.81 0.73 -22.57
O1 EDO K . -16.93 1.45 -21.34
C2 EDO K . -16.69 -0.80 -22.33
O2 EDO K . -17.68 -1.30 -21.46
C1 EDO L . -13.97 20.52 -14.96
O1 EDO L . -13.30 19.40 -14.36
C2 EDO L . -14.81 20.06 -16.20
O2 EDO L . -13.94 19.74 -17.28
C1 EDO M . -24.75 -1.98 0.18
O1 EDO M . -23.42 -2.45 0.37
C2 EDO M . -25.77 -2.96 0.80
O2 EDO M . -25.47 -3.14 2.18
C1 EDO N . -0.08 -22.77 -3.05
O1 EDO N . -1.50 -22.73 -2.98
C2 EDO N . 0.47 -21.62 -2.19
O2 EDO N . 0.14 -20.41 -2.83
C1 EDO O . -7.40 -3.70 -23.66
O1 EDO O . -8.52 -3.63 -22.81
C2 EDO O . -6.23 -2.99 -22.96
O2 EDO O . -5.25 -3.95 -22.64
C1 EDO P . 3.69 -22.19 -3.98
O1 EDO P . 3.75 -22.60 -5.33
C2 EDO P . 3.62 -20.65 -3.88
O2 EDO P . 4.90 -20.09 -3.61
C1 EDO Q . -33.49 -20.65 -24.12
O1 EDO Q . -34.61 -21.25 -23.48
C2 EDO Q . -33.40 -21.16 -25.58
O2 EDO Q . -33.00 -22.52 -25.54
C1 EDO R . -12.94 -10.95 -22.34
O1 EDO R . -14.29 -10.70 -22.65
C2 EDO R . -12.20 -11.37 -23.63
O2 EDO R . -12.45 -10.42 -24.64
C1 EDO S . -33.54 -22.14 -4.71
O1 EDO S . -34.18 -22.55 -5.90
C2 EDO S . -32.17 -22.85 -4.61
O2 EDO S . -31.21 -22.14 -5.35
N1 EPE T . -16.36 -6.69 -22.23
C2 EPE T . -17.44 -7.24 -21.33
C3 EPE T . -17.17 -6.72 -19.87
N4 EPE T . -17.22 -5.21 -19.84
C5 EPE T . -16.20 -4.61 -20.80
C6 EPE T . -16.34 -5.15 -22.25
C7 EPE T . -16.93 -4.81 -18.40
C8 EPE T . -17.34 -3.31 -18.12
O8 EPE T . -18.72 -3.20 -18.07
C9 EPE T . -16.51 -7.29 -23.61
C10 EPE T . -15.36 -6.84 -24.56
S EPE T . -15.11 -7.85 -25.90
O1S EPE T . -14.15 -7.28 -26.77
O2S EPE T . -14.96 -9.19 -25.46
O3S EPE T . -16.50 -7.83 -26.63
#